data_4OMK
#
_entry.id   4OMK
#
_cell.length_a   71.270
_cell.length_b   73.540
_cell.length_c   94.230
_cell.angle_alpha   90.00
_cell.angle_beta   96.88
_cell.angle_gamma   90.00
#
_symmetry.space_group_name_H-M   'P 1 21 1'
#
loop_
_entity.id
_entity.type
_entity.pdbx_description
1 polymer 'SEC14-like protein 2'
2 non-polymer 'SULFATE ION'
3 non-polymer 'CHLORIDE ION'
4 non-polymer (6E,10E,14E,18E)-2,6,10,15,19,23-hexamethyltetracosa-2,6,10,14,18,22-hexaene
5 non-polymer 'ISOPROPYL ALCOHOL'
6 water water
#
_entity_poly.entity_id   1
_entity_poly.type   'polypeptide(L)'
_entity_poly.pdbx_seq_one_letter_code
;GSHMSGRVGDLSPRQKEALAKFRENVQDVLPALPNPDDYFLLRWLRARSFDLQKSEAMLRKHVEFRKQKDIDNIISWQPP
EVIQQYLSGGMCGYDLDGCPVWYDIIGPLDAKGLLFSASKQDLLRTKMRECELLLQECAHQTTKLGRKVETITIIYDCEG
LGLKHLWKPAVEAYGEFLCMFEENYPETLKRLFVVKAPKLFPVAYNLIKPFLSEDTRKKIMVLGANWKEVLLKHISPDQV
PVEYGGTMTDPDGNPKCKSKINYGGDIPRKYYVRDQVK
;
_entity_poly.pdbx_strand_id   A,B
#
loop_
_chem_comp.id
_chem_comp.type
_chem_comp.name
_chem_comp.formula
CL non-polymer 'CHLORIDE ION' 'Cl -1'
IPA non-polymer 'ISOPROPYL ALCOHOL' 'C3 H8 O'
SO4 non-polymer 'SULFATE ION' 'O4 S -2'
SQL non-polymer (6E,10E,14E,18E)-2,6,10,15,19,23-hexamethyltetracosa-2,6,10,14,18,22-hexaene 'C30 H50'
#
# COMPACT_ATOMS: atom_id res chain seq x y z
N MET A 4 -25.90 24.89 4.58
CA MET A 4 -25.51 25.67 3.36
C MET A 4 -24.05 25.42 2.94
N SER A 5 -23.70 25.87 1.74
CA SER A 5 -22.48 25.44 1.05
C SER A 5 -21.14 25.97 1.59
N GLY A 6 -21.17 26.96 2.47
CA GLY A 6 -19.94 27.53 2.98
C GLY A 6 -19.15 28.35 1.96
N ARG A 7 -19.87 28.87 0.96
CA ARG A 7 -19.29 29.73 -0.05
CA ARG A 7 -19.29 29.74 -0.06
C ARG A 7 -19.84 31.15 0.07
N VAL A 8 -19.09 32.11 -0.44
CA VAL A 8 -19.53 33.50 -0.46
C VAL A 8 -20.93 33.56 -1.02
N GLY A 9 -21.80 34.30 -0.33
CA GLY A 9 -23.17 34.47 -0.78
C GLY A 9 -24.13 33.45 -0.21
N ASP A 10 -23.59 32.41 0.42
CA ASP A 10 -24.38 31.27 0.87
C ASP A 10 -23.87 30.70 2.19
N LEU A 11 -23.58 31.58 3.13
CA LEU A 11 -23.08 31.20 4.44
C LEU A 11 -24.20 31.19 5.49
N SER A 12 -24.15 30.20 6.37
CA SER A 12 -25.01 30.19 7.57
C SER A 12 -24.52 31.23 8.56
N PRO A 13 -25.35 31.56 9.56
CA PRO A 13 -24.90 32.47 10.62
C PRO A 13 -23.62 32.00 11.30
N ARG A 14 -23.55 30.72 11.63
CA ARG A 14 -22.36 30.15 12.25
C ARG A 14 -21.13 30.27 11.33
N GLN A 15 -21.33 30.02 10.04
CA GLN A 15 -20.23 30.12 9.08
C GLN A 15 -19.78 31.57 8.93
N LYS A 16 -20.73 32.50 8.86
CA LYS A 16 -20.39 33.92 8.78
C LYS A 16 -19.60 34.37 9.98
N GLU A 17 -20.02 33.95 11.18
CA GLU A 17 -19.30 34.32 12.39
C GLU A 17 -17.89 33.75 12.41
N ALA A 18 -17.76 32.50 11.96
CA ALA A 18 -16.46 31.84 11.94
C ALA A 18 -15.54 32.55 10.97
N LEU A 19 -16.07 32.91 9.80
CA LEU A 19 -15.26 33.65 8.81
C LEU A 19 -14.77 34.97 9.40
N ALA A 20 -15.66 35.69 10.10
CA ALA A 20 -15.26 36.97 10.68
C ALA A 20 -14.16 36.84 11.71
N LYS A 21 -14.28 35.84 12.58
CA LYS A 21 -13.26 35.54 13.58
C LYS A 21 -11.96 35.11 12.93
N PHE A 22 -12.08 34.27 11.91
CA PHE A 22 -10.92 33.75 11.20
C PHE A 22 -10.09 34.88 10.64
N ARG A 23 -10.73 35.83 9.93
CA ARG A 23 -10.00 36.93 9.34
C ARG A 23 -9.29 37.75 10.41
N GLU A 24 -9.99 37.99 11.51
CA GLU A 24 -9.41 38.69 12.65
C GLU A 24 -8.19 37.94 13.20
N ASN A 25 -8.32 36.61 13.31
CA ASN A 25 -7.27 35.79 13.91
C ASN A 25 -6.00 35.66 13.07
N VAL A 26 -6.12 35.71 11.74
CA VAL A 26 -4.96 35.54 10.87
C VAL A 26 -4.53 36.79 10.14
N GLN A 27 -5.04 37.96 10.57
CA GLN A 27 -4.76 39.18 9.83
C GLN A 27 -3.28 39.52 9.71
N ASP A 28 -2.47 39.04 10.65
CA ASP A 28 -1.03 39.30 10.63
C ASP A 28 -0.29 38.66 9.44
N VAL A 29 -0.82 37.55 8.91
CA VAL A 29 -0.18 36.93 7.74
C VAL A 29 -0.90 37.22 6.42
N LEU A 30 -2.05 37.91 6.46
CA LEU A 30 -2.73 38.20 5.20
C LEU A 30 -1.90 39.06 4.24
N PRO A 31 -1.06 39.99 4.74
CA PRO A 31 -0.28 40.74 3.74
C PRO A 31 0.72 39.87 2.94
N ALA A 32 1.05 38.68 3.44
CA ALA A 32 1.98 37.80 2.74
C ALA A 32 1.25 36.94 1.74
N LEU A 33 -0.07 37.06 1.69
CA LEU A 33 -0.89 36.11 0.91
C LEU A 33 -1.51 36.77 -0.30
N PRO A 34 -1.72 35.98 -1.36
CA PRO A 34 -2.28 36.44 -2.62
C PRO A 34 -3.79 36.62 -2.50
N ASN A 35 -4.25 37.85 -2.68
CA ASN A 35 -5.68 38.15 -2.73
C ASN A 35 -6.48 37.42 -1.64
N PRO A 36 -6.23 37.77 -0.37
CA PRO A 36 -6.90 37.14 0.77
C PRO A 36 -8.34 37.59 0.98
N ASP A 37 -9.16 37.40 -0.04
CA ASP A 37 -10.56 37.75 0.01
C ASP A 37 -11.36 36.67 0.71
N ASP A 38 -12.68 36.83 0.86
CA ASP A 38 -13.46 35.86 1.61
C ASP A 38 -13.37 34.49 0.94
N TYR A 39 -13.34 34.50 -0.39
CA TYR A 39 -13.27 33.25 -1.15
C TYR A 39 -12.02 32.46 -0.72
N PHE A 40 -10.91 33.15 -0.65
CA PHE A 40 -9.64 32.56 -0.23
C PHE A 40 -9.75 31.98 1.19
N LEU A 41 -10.21 32.78 2.13
CA LEU A 41 -10.28 32.33 3.52
C LEU A 41 -11.22 31.14 3.68
N LEU A 42 -12.31 31.14 2.94
CA LEU A 42 -13.30 30.09 3.08
C LEU A 42 -12.78 28.73 2.55
N ARG A 43 -11.77 28.73 1.69
CA ARG A 43 -11.22 27.46 1.25
C ARG A 43 -10.57 26.73 2.43
N TRP A 44 -9.84 27.49 3.26
CA TRP A 44 -9.19 26.93 4.44
C TRP A 44 -10.24 26.51 5.45
N LEU A 45 -11.24 27.35 5.68
CA LEU A 45 -12.33 27.00 6.60
C LEU A 45 -13.13 25.78 6.14
N ARG A 46 -13.50 25.70 4.86
CA ARG A 46 -14.24 24.53 4.40
C ARG A 46 -13.40 23.27 4.55
N ALA A 47 -12.11 23.38 4.32
CA ALA A 47 -11.22 22.22 4.39
C ALA A 47 -11.10 21.67 5.80
N ARG A 48 -11.45 22.48 6.79
CA ARG A 48 -11.41 21.99 8.18
C ARG A 48 -12.75 22.16 8.89
N SER A 49 -13.82 22.14 8.10
CA SER A 49 -15.19 22.20 8.61
C SER A 49 -15.42 23.36 9.57
N PHE A 50 -14.79 24.50 9.27
CA PHE A 50 -14.93 25.76 10.01
C PHE A 50 -14.43 25.68 11.45
N ASP A 51 -13.59 24.70 11.72
CA ASP A 51 -12.86 24.65 12.98
C ASP A 51 -11.81 25.73 12.96
N LEU A 52 -11.93 26.73 13.83
CA LEU A 52 -11.02 27.87 13.76
C LEU A 52 -9.56 27.57 14.05
N GLN A 53 -9.31 26.72 15.04
CA GLN A 53 -7.96 26.39 15.41
C GLN A 53 -7.27 25.60 14.27
N LYS A 54 -7.97 24.62 13.73
CA LYS A 54 -7.37 23.80 12.67
C LYS A 54 -7.20 24.58 11.37
N SER A 55 -8.20 25.39 11.04
CA SER A 55 -8.11 26.22 9.83
C SER A 55 -6.93 27.15 9.93
N GLU A 56 -6.71 27.74 11.09
CA GLU A 56 -5.59 28.65 11.27
C GLU A 56 -4.23 27.94 11.20
N ALA A 57 -4.15 26.75 11.80
CA ALA A 57 -2.93 25.97 11.74
C ALA A 57 -2.60 25.62 10.28
N MET A 58 -3.64 25.23 9.55
CA MET A 58 -3.48 24.87 8.14
C MET A 58 -2.98 26.06 7.33
N LEU A 59 -3.62 27.22 7.51
CA LEU A 59 -3.18 28.40 6.78
C LEU A 59 -1.78 28.86 7.16
N ARG A 60 -1.45 28.84 8.43
CA ARG A 60 -0.11 29.30 8.84
C ARG A 60 1.00 28.37 8.32
N LYS A 61 0.69 27.08 8.26
CA LYS A 61 1.63 26.12 7.65
C LYS A 61 1.83 26.44 6.18
N HIS A 62 0.74 26.82 5.51
CA HIS A 62 0.83 27.24 4.12
C HIS A 62 1.69 28.50 3.92
N VAL A 63 1.53 29.47 4.82
CA VAL A 63 2.37 30.66 4.76
C VAL A 63 3.87 30.30 4.80
N GLU A 64 4.22 29.37 5.66
CA GLU A 64 5.62 28.94 5.77
C GLU A 64 6.05 28.19 4.49
N PHE A 65 5.16 27.36 3.95
CA PHE A 65 5.40 26.69 2.68
C PHE A 65 5.71 27.67 1.57
N ARG A 66 4.94 28.75 1.50
CA ARG A 66 5.12 29.74 0.44
C ARG A 66 6.50 30.37 0.54
N LYS A 67 6.94 30.61 1.76
CA LYS A 67 8.23 31.24 2.00
C LYS A 67 9.34 30.27 1.59
N GLN A 68 9.25 29.06 2.10
CA GLN A 68 10.27 28.03 1.88
C GLN A 68 10.43 27.64 0.43
N LYS A 69 9.33 27.63 -0.32
CA LYS A 69 9.36 27.26 -1.73
CA LYS A 69 9.37 27.25 -1.72
C LYS A 69 9.33 28.46 -2.69
N ASP A 70 9.38 29.67 -2.15
CA ASP A 70 9.42 30.87 -2.97
C ASP A 70 8.26 30.87 -4.00
N ILE A 71 7.07 30.58 -3.52
CA ILE A 71 5.90 30.41 -4.38
C ILE A 71 5.56 31.69 -5.14
N ASP A 72 5.83 32.86 -4.57
CA ASP A 72 5.51 34.13 -5.25
C ASP A 72 6.25 34.26 -6.57
N ASN A 73 7.38 33.57 -6.72
CA ASN A 73 8.16 33.62 -7.94
C ASN A 73 8.25 32.33 -8.75
N ILE A 74 7.45 31.33 -8.40
CA ILE A 74 7.61 30.02 -9.03
C ILE A 74 7.13 30.00 -10.46
N ILE A 75 6.24 30.91 -10.84
CA ILE A 75 5.75 30.84 -12.21
C ILE A 75 6.86 31.15 -13.23
N SER A 76 7.81 31.97 -12.84
CA SER A 76 8.92 32.30 -13.73
C SER A 76 10.04 31.23 -13.73
N TRP A 77 9.92 30.22 -12.88
CA TRP A 77 10.89 29.12 -12.84
C TRP A 77 10.60 28.03 -13.87
N GLN A 78 11.44 27.91 -14.89
CA GLN A 78 11.25 26.82 -15.84
C GLN A 78 12.00 25.57 -15.36
N PRO A 79 11.31 24.42 -15.32
CA PRO A 79 11.95 23.19 -14.85
C PRO A 79 13.16 22.77 -15.72
N PRO A 80 14.04 21.90 -15.18
CA PRO A 80 15.12 21.29 -15.96
C PRO A 80 14.63 20.59 -17.24
N GLU A 81 15.53 20.39 -18.18
CA GLU A 81 15.16 19.91 -19.51
C GLU A 81 14.38 18.60 -19.46
N VAL A 82 14.84 17.62 -18.68
CA VAL A 82 14.18 16.32 -18.72
C VAL A 82 12.72 16.43 -18.27
N ILE A 83 12.46 17.28 -17.30
CA ILE A 83 11.11 17.50 -16.80
C ILE A 83 10.27 18.23 -17.83
N GLN A 84 10.79 19.33 -18.34
CA GLN A 84 10.09 20.09 -19.37
C GLN A 84 9.73 19.20 -20.57
N GLN A 85 10.63 18.29 -20.94
CA GLN A 85 10.41 17.50 -22.14
C GLN A 85 9.57 16.24 -21.91
N TYR A 86 9.63 15.64 -20.72
CA TYR A 86 9.00 14.32 -20.53
C TYR A 86 7.98 14.20 -19.39
N LEU A 87 7.78 15.23 -18.57
CA LEU A 87 6.74 15.17 -17.55
C LEU A 87 5.41 15.49 -18.24
N SER A 88 4.59 14.46 -18.34
CA SER A 88 3.35 14.59 -19.09
C SER A 88 2.29 15.46 -18.39
N GLY A 89 1.30 15.87 -19.19
CA GLY A 89 0.14 16.60 -18.75
C GLY A 89 0.14 18.04 -19.26
N GLY A 90 -0.94 18.76 -19.00
CA GLY A 90 -0.96 20.16 -19.38
C GLY A 90 -2.32 20.80 -19.26
N MET A 91 -2.33 22.12 -19.24
CA MET A 91 -3.55 22.87 -19.12
C MET A 91 -4.11 23.06 -20.51
N CYS A 92 -5.38 22.71 -20.72
CA CYS A 92 -5.96 22.80 -22.03
C CYS A 92 -7.45 22.98 -21.97
N GLY A 93 -7.90 24.16 -22.38
CA GLY A 93 -9.32 24.48 -22.44
C GLY A 93 -9.95 24.85 -21.09
N TYR A 94 -11.22 25.20 -21.17
CA TYR A 94 -12.05 25.57 -20.01
C TYR A 94 -13.34 24.78 -20.05
N ASP A 95 -13.87 24.42 -18.89
CA ASP A 95 -15.12 23.67 -18.85
C ASP A 95 -16.30 24.62 -19.02
N LEU A 96 -17.50 24.06 -18.96
CA LEU A 96 -18.68 24.83 -19.35
C LEU A 96 -18.96 25.96 -18.36
N ASP A 97 -18.43 25.85 -17.15
CA ASP A 97 -18.56 26.91 -16.13
C ASP A 97 -17.39 27.89 -16.15
N GLY A 98 -16.43 27.66 -17.05
CA GLY A 98 -15.30 28.54 -17.23
C GLY A 98 -14.08 28.14 -16.43
N CYS A 99 -14.14 26.99 -15.77
CA CYS A 99 -12.99 26.53 -15.00
C CYS A 99 -11.91 25.95 -15.88
N PRO A 100 -10.63 26.26 -15.60
CA PRO A 100 -9.54 25.65 -16.35
C PRO A 100 -9.56 24.13 -16.23
N VAL A 101 -9.16 23.48 -17.31
CA VAL A 101 -9.04 22.03 -17.37
C VAL A 101 -7.57 21.64 -17.47
N TRP A 102 -7.18 20.66 -16.66
CA TRP A 102 -5.86 20.08 -16.65
C TRP A 102 -5.96 18.62 -17.05
N TYR A 103 -5.10 18.22 -17.99
CA TYR A 103 -4.97 16.83 -18.42
C TYR A 103 -3.76 16.18 -17.77
N ASP A 104 -3.99 15.04 -17.13
CA ASP A 104 -2.90 14.17 -16.64
C ASP A 104 -2.84 12.96 -17.57
N ILE A 105 -1.65 12.57 -18.00
CA ILE A 105 -1.50 11.49 -18.96
C ILE A 105 -0.57 10.43 -18.35
N ILE A 106 -1.13 9.41 -17.70
CA ILE A 106 -0.31 8.53 -16.85
C ILE A 106 0.47 7.48 -17.65
N GLY A 107 -0.18 6.86 -18.64
CA GLY A 107 0.38 5.71 -19.34
C GLY A 107 1.82 5.89 -19.84
N PRO A 108 2.07 6.96 -20.60
CA PRO A 108 3.41 7.18 -21.19
C PRO A 108 4.41 7.83 -20.25
N LEU A 109 4.00 8.09 -19.03
CA LEU A 109 4.89 8.64 -18.04
C LEU A 109 5.95 7.62 -17.63
N ASP A 110 7.22 7.99 -17.80
CA ASP A 110 8.36 7.14 -17.44
C ASP A 110 8.80 7.49 -16.03
N ALA A 111 8.10 6.94 -15.04
CA ALA A 111 8.30 7.42 -13.67
C ALA A 111 9.71 7.11 -13.19
N LYS A 112 10.18 5.93 -13.53
CA LYS A 112 11.50 5.53 -13.16
C LYS A 112 12.57 6.42 -13.82
N GLY A 113 12.43 6.66 -15.13
CA GLY A 113 13.34 7.53 -15.84
C GLY A 113 13.38 8.94 -15.23
N LEU A 114 12.23 9.43 -14.83
CA LEU A 114 12.17 10.77 -14.23
C LEU A 114 12.90 10.81 -12.91
N LEU A 115 12.65 9.83 -12.05
CA LEU A 115 13.32 9.81 -10.75
C LEU A 115 14.81 9.52 -10.89
N PHE A 116 15.23 8.87 -11.96
CA PHE A 116 16.66 8.66 -12.21
CA PHE A 116 16.66 8.65 -12.21
C PHE A 116 17.31 9.88 -12.85
N SER A 117 16.50 10.86 -13.29
CA SER A 117 17.01 12.00 -14.06
C SER A 117 16.79 13.38 -13.41
N ALA A 118 16.07 13.38 -12.30
CA ALA A 118 15.70 14.62 -11.65
C ALA A 118 15.62 14.38 -10.17
N SER A 119 15.81 15.43 -9.38
CA SER A 119 15.59 15.34 -7.95
C SER A 119 14.12 15.32 -7.65
N LYS A 120 13.78 14.64 -6.56
CA LYS A 120 12.41 14.65 -6.11
C LYS A 120 11.98 16.09 -5.84
N GLN A 121 12.88 16.93 -5.33
CA GLN A 121 12.52 18.31 -5.02
C GLN A 121 12.15 19.10 -6.28
N ASP A 122 12.85 18.88 -7.38
CA ASP A 122 12.53 19.58 -8.60
C ASP A 122 11.24 19.05 -9.23
N LEU A 123 10.98 17.76 -9.09
CA LEU A 123 9.71 17.20 -9.59
C LEU A 123 8.54 17.79 -8.81
N LEU A 124 8.69 17.83 -7.49
CA LEU A 124 7.60 18.39 -6.66
C LEU A 124 7.42 19.89 -6.91
N ARG A 125 8.53 20.60 -7.11
CA ARG A 125 8.49 22.02 -7.42
C ARG A 125 7.74 22.25 -8.73
N THR A 126 7.93 21.36 -9.69
CA THR A 126 7.25 21.47 -10.98
C THR A 126 5.74 21.32 -10.80
N LYS A 127 5.32 20.39 -9.95
CA LYS A 127 3.90 20.21 -9.63
C LYS A 127 3.33 21.46 -8.93
N MET A 128 4.08 22.02 -7.97
CA MET A 128 3.64 23.28 -7.34
C MET A 128 3.45 24.35 -8.38
N ARG A 129 4.36 24.44 -9.33
CA ARG A 129 4.26 25.45 -10.35
C ARG A 129 2.99 25.24 -11.19
N GLU A 130 2.66 23.99 -11.49
CA GLU A 130 1.44 23.70 -12.25
C GLU A 130 0.20 24.20 -11.49
N CYS A 131 0.17 23.96 -10.19
CA CYS A 131 -0.91 24.42 -9.34
C CYS A 131 -1.00 25.93 -9.38
N GLU A 132 0.13 26.61 -9.28
CA GLU A 132 0.10 28.08 -9.36
C GLU A 132 -0.33 28.57 -10.73
N LEU A 133 0.09 27.92 -11.80
CA LEU A 133 -0.38 28.28 -13.14
C LEU A 133 -1.91 28.13 -13.28
N LEU A 134 -2.45 27.05 -12.71
CA LEU A 134 -3.88 26.82 -12.73
C LEU A 134 -4.62 27.90 -11.94
N LEU A 135 -4.11 28.27 -10.77
CA LEU A 135 -4.80 29.32 -9.99
C LEU A 135 -4.70 30.69 -10.68
N GLN A 136 -3.59 30.95 -11.35
CA GLN A 136 -3.45 32.17 -12.14
C GLN A 136 -4.49 32.19 -13.26
N GLU A 137 -4.68 31.06 -13.92
CA GLU A 137 -5.70 30.97 -14.96
C GLU A 137 -7.09 31.20 -14.35
N CYS A 138 -7.34 30.68 -13.16
CA CYS A 138 -8.64 30.90 -12.48
C CYS A 138 -8.85 32.40 -12.25
N ALA A 139 -7.79 33.10 -11.83
CA ALA A 139 -7.91 34.55 -11.58
C ALA A 139 -8.19 35.30 -12.88
N HIS A 140 -7.53 34.88 -13.96
CA HIS A 140 -7.83 35.47 -15.26
C HIS A 140 -9.25 35.20 -15.71
N GLN A 141 -9.75 33.98 -15.51
CA GLN A 141 -11.13 33.64 -15.87
C GLN A 141 -12.12 34.46 -15.03
N THR A 142 -11.78 34.67 -13.77
CA THR A 142 -12.62 35.46 -12.88
C THR A 142 -12.85 36.86 -13.45
N THR A 143 -11.76 37.48 -13.86
CA THR A 143 -11.84 38.80 -14.49
C THR A 143 -12.63 38.78 -15.79
N LYS A 144 -12.37 37.79 -16.62
CA LYS A 144 -13.01 37.67 -17.92
C LYS A 144 -14.50 37.46 -17.79
N LEU A 145 -14.92 36.65 -16.83
CA LEU A 145 -16.31 36.22 -16.74
C LEU A 145 -17.16 37.05 -15.77
N GLY A 146 -16.52 37.82 -14.90
CA GLY A 146 -17.21 38.69 -13.98
C GLY A 146 -17.82 37.95 -12.81
N ARG A 147 -17.32 36.75 -12.54
CA ARG A 147 -17.75 35.98 -11.38
C ARG A 147 -16.54 35.14 -10.93
N LYS A 148 -16.54 34.71 -9.68
CA LYS A 148 -15.39 34.03 -9.13
C LYS A 148 -15.25 32.63 -9.71
N VAL A 149 -14.08 32.40 -10.28
CA VAL A 149 -13.64 31.08 -10.73
C VAL A 149 -12.41 30.73 -9.89
N GLU A 150 -12.47 29.62 -9.14
CA GLU A 150 -11.36 29.24 -8.24
C GLU A 150 -11.19 27.73 -8.15
N THR A 151 -11.78 26.98 -9.07
CA THR A 151 -11.64 25.51 -9.07
C THR A 151 -11.29 25.01 -10.45
N ILE A 152 -10.85 23.75 -10.51
CA ILE A 152 -10.32 23.18 -11.73
C ILE A 152 -10.92 21.80 -11.99
N THR A 153 -11.04 21.49 -13.27
CA THR A 153 -11.49 20.19 -13.72
C THR A 153 -10.28 19.45 -14.24
N ILE A 154 -10.13 18.20 -13.79
CA ILE A 154 -9.02 17.37 -14.25
C ILE A 154 -9.53 16.17 -15.03
N ILE A 155 -8.88 15.93 -16.16
CA ILE A 155 -9.09 14.74 -16.97
C ILE A 155 -7.86 13.88 -16.74
N TYR A 156 -8.11 12.72 -16.14
CA TYR A 156 -7.05 11.86 -15.66
C TYR A 156 -7.00 10.57 -16.52
N ASP A 157 -6.12 10.57 -17.50
CA ASP A 157 -6.06 9.51 -18.51
C ASP A 157 -5.19 8.37 -18.04
N CYS A 158 -5.84 7.25 -17.71
CA CYS A 158 -5.14 6.09 -17.16
C CYS A 158 -4.97 4.99 -18.19
N GLU A 159 -5.15 5.29 -19.46
CA GLU A 159 -4.80 4.33 -20.48
C GLU A 159 -3.30 4.00 -20.35
N GLY A 160 -2.97 2.72 -20.32
CA GLY A 160 -1.58 2.34 -20.22
C GLY A 160 -1.01 2.31 -18.82
N LEU A 161 -1.83 2.65 -17.82
CA LEU A 161 -1.44 2.45 -16.42
C LEU A 161 -1.02 0.99 -16.24
N GLY A 162 0.13 0.78 -15.63
CA GLY A 162 0.72 -0.54 -15.59
C GLY A 162 1.54 -0.72 -14.32
N LEU A 163 2.08 -1.92 -14.13
CA LEU A 163 2.84 -2.19 -12.92
C LEU A 163 4.07 -1.30 -12.78
N LYS A 164 4.62 -0.87 -13.90
CA LYS A 164 5.80 0.00 -13.87
C LYS A 164 5.54 1.31 -13.16
N HIS A 165 4.29 1.77 -13.16
CA HIS A 165 3.95 3.01 -12.46
C HIS A 165 3.85 2.85 -10.96
N LEU A 166 3.75 1.61 -10.49
CA LEU A 166 3.56 1.33 -9.06
C LEU A 166 4.86 0.92 -8.38
N TRP A 167 5.97 1.14 -9.07
CA TRP A 167 7.31 1.09 -8.50
C TRP A 167 7.33 1.94 -7.22
N LYS A 168 7.77 1.35 -6.11
CA LYS A 168 7.53 1.98 -4.81
C LYS A 168 8.06 3.42 -4.67
N PRO A 169 9.27 3.71 -5.18
CA PRO A 169 9.72 5.10 -5.03
C PRO A 169 8.84 6.11 -5.80
N ALA A 170 8.27 5.66 -6.92
CA ALA A 170 7.32 6.50 -7.70
C ALA A 170 6.04 6.77 -6.90
N VAL A 171 5.49 5.73 -6.28
CA VAL A 171 4.27 5.88 -5.47
C VAL A 171 4.53 6.79 -4.31
N GLU A 172 5.70 6.64 -3.68
CA GLU A 172 6.01 7.48 -2.51
C GLU A 172 6.18 8.96 -2.93
N ALA A 173 6.82 9.21 -4.05
CA ALA A 173 7.02 10.57 -4.53
C ALA A 173 5.67 11.20 -4.89
N TYR A 174 4.82 10.41 -5.52
CA TYR A 174 3.51 10.90 -5.90
C TYR A 174 2.66 11.19 -4.68
N GLY A 175 2.79 10.36 -3.64
CA GLY A 175 2.08 10.64 -2.40
C GLY A 175 2.55 11.96 -1.78
N GLU A 176 3.82 12.27 -1.90
CA GLU A 176 4.32 13.56 -1.40
C GLU A 176 3.68 14.72 -2.18
N PHE A 177 3.56 14.58 -3.49
CA PHE A 177 2.81 15.58 -4.28
C PHE A 177 1.39 15.69 -3.79
N LEU A 178 0.70 14.56 -3.62
CA LEU A 178 -0.71 14.62 -3.22
C LEU A 178 -0.86 15.29 -1.86
N CYS A 179 0.04 15.01 -0.92
CA CYS A 179 -0.01 15.65 0.37
CA CYS A 179 -0.02 15.66 0.39
C CYS A 179 0.19 17.17 0.24
N MET A 180 1.15 17.55 -0.61
CA MET A 180 1.43 18.97 -0.87
C MET A 180 0.18 19.64 -1.42
N PHE A 181 -0.47 18.97 -2.37
CA PHE A 181 -1.68 19.50 -3.00
C PHE A 181 -2.77 19.69 -1.96
N GLU A 182 -3.01 18.68 -1.12
CA GLU A 182 -4.08 18.74 -0.14
C GLU A 182 -3.83 19.81 0.92
N GLU A 183 -2.57 20.02 1.26
CA GLU A 183 -2.24 20.96 2.30
C GLU A 183 -2.13 22.40 1.85
N ASN A 184 -1.85 22.62 0.56
CA ASN A 184 -1.59 23.97 0.07
C ASN A 184 -2.57 24.50 -0.98
N TYR A 185 -3.38 23.61 -1.54
CA TYR A 185 -4.40 23.99 -2.54
C TYR A 185 -5.75 23.43 -2.14
N PRO A 186 -6.17 23.69 -0.89
CA PRO A 186 -7.48 23.16 -0.49
C PRO A 186 -8.64 23.70 -1.34
N GLU A 187 -9.64 22.86 -1.53
CA GLU A 187 -10.90 23.25 -2.16
C GLU A 187 -10.66 23.86 -3.56
N THR A 188 -9.66 23.34 -4.24
CA THR A 188 -9.31 23.79 -5.59
C THR A 188 -9.82 22.81 -6.64
N LEU A 189 -9.86 21.52 -6.32
CA LEU A 189 -10.42 20.54 -7.25
C LEU A 189 -11.94 20.64 -7.36
N LYS A 190 -12.46 20.77 -8.58
CA LYS A 190 -13.89 20.70 -8.82
C LYS A 190 -14.34 19.28 -9.09
N ARG A 191 -13.63 18.64 -10.00
CA ARG A 191 -13.96 17.30 -10.43
C ARG A 191 -12.75 16.69 -11.11
N LEU A 192 -12.58 15.38 -10.92
CA LEU A 192 -11.52 14.64 -11.59
C LEU A 192 -12.16 13.44 -12.28
N PHE A 193 -12.06 13.41 -13.60
CA PHE A 193 -12.60 12.33 -14.40
C PHE A 193 -11.50 11.34 -14.76
N VAL A 194 -11.62 10.11 -14.26
CA VAL A 194 -10.67 9.07 -14.64
C VAL A 194 -11.18 8.42 -15.90
N VAL A 195 -10.38 8.44 -16.95
CA VAL A 195 -10.78 7.85 -18.22
C VAL A 195 -9.85 6.74 -18.65
N LYS A 196 -10.44 5.73 -19.28
CA LYS A 196 -9.73 4.60 -19.85
C LYS A 196 -8.93 3.81 -18.82
N ALA A 197 -9.44 3.75 -17.60
CA ALA A 197 -8.76 3.01 -16.53
C ALA A 197 -8.80 1.52 -16.85
N PRO A 198 -7.64 0.85 -16.76
CA PRO A 198 -7.56 -0.62 -16.90
C PRO A 198 -7.87 -1.32 -15.59
N LYS A 199 -7.77 -2.65 -15.59
CA LYS A 199 -8.15 -3.42 -14.40
C LYS A 199 -7.28 -3.16 -13.16
N LEU A 200 -6.06 -2.70 -13.40
CA LEU A 200 -5.15 -2.39 -12.31
C LEU A 200 -5.61 -1.18 -11.48
N PHE A 201 -6.52 -0.38 -12.02
CA PHE A 201 -6.82 0.92 -11.39
C PHE A 201 -7.20 0.86 -9.91
N PRO A 202 -8.13 -0.03 -9.53
CA PRO A 202 -8.50 -0.04 -8.11
C PRO A 202 -7.33 -0.28 -7.14
N VAL A 203 -6.37 -1.14 -7.50
CA VAL A 203 -5.19 -1.35 -6.67
C VAL A 203 -4.31 -0.11 -6.62
N ALA A 204 -4.10 0.52 -7.76
CA ALA A 204 -3.36 1.77 -7.82
C ALA A 204 -4.05 2.83 -6.97
N TYR A 205 -5.36 2.97 -7.13
CA TYR A 205 -6.11 3.96 -6.39
CA TYR A 205 -6.10 3.98 -6.38
C TYR A 205 -5.96 3.73 -4.88
N ASN A 206 -6.03 2.48 -4.47
CA ASN A 206 -5.86 2.17 -3.04
C ASN A 206 -4.49 2.55 -2.50
N LEU A 207 -3.46 2.48 -3.34
CA LEU A 207 -2.15 2.89 -2.92
C LEU A 207 -2.06 4.38 -2.62
N ILE A 208 -2.87 5.22 -3.26
CA ILE A 208 -2.71 6.66 -2.98
C ILE A 208 -3.89 7.27 -2.22
N LYS A 209 -4.96 6.51 -2.00
CA LYS A 209 -6.09 6.97 -1.20
C LYS A 209 -5.71 7.54 0.18
N PRO A 210 -4.69 6.98 0.86
CA PRO A 210 -4.31 7.52 2.16
C PRO A 210 -3.82 8.97 2.12
N PHE A 211 -3.43 9.44 0.94
CA PHE A 211 -2.89 10.78 0.79
C PHE A 211 -3.98 11.81 0.43
N LEU A 212 -5.19 11.34 0.14
CA LEU A 212 -6.28 12.20 -0.31
C LEU A 212 -7.23 12.57 0.80
N SER A 213 -7.76 13.78 0.72
CA SER A 213 -8.81 14.21 1.64
C SER A 213 -10.13 13.56 1.25
N GLU A 214 -11.08 13.54 2.20
CA GLU A 214 -12.43 13.10 1.85
C GLU A 214 -13.04 13.97 0.77
N ASP A 215 -12.81 15.27 0.82
CA ASP A 215 -13.31 16.16 -0.19
C ASP A 215 -12.83 15.75 -1.59
N THR A 216 -11.54 15.48 -1.72
CA THR A 216 -10.97 15.06 -3.01
C THR A 216 -11.58 13.75 -3.46
N ARG A 217 -11.67 12.78 -2.55
CA ARG A 217 -12.20 11.48 -2.90
C ARG A 217 -13.62 11.60 -3.47
N LYS A 218 -14.43 12.50 -2.92
CA LYS A 218 -15.81 12.64 -3.39
C LYS A 218 -15.89 13.24 -4.79
N LYS A 219 -14.81 13.86 -5.24
CA LYS A 219 -14.79 14.54 -6.53
C LYS A 219 -14.20 13.69 -7.66
N ILE A 220 -13.76 12.48 -7.30
CA ILE A 220 -13.18 11.55 -8.28
C ILE A 220 -14.29 10.70 -8.88
N MET A 221 -14.44 10.80 -10.20
CA MET A 221 -15.45 10.06 -10.95
C MET A 221 -14.76 9.16 -11.96
N VAL A 222 -14.89 7.84 -11.76
CA VAL A 222 -14.30 6.88 -12.68
C VAL A 222 -15.26 6.56 -13.83
N LEU A 223 -14.90 6.95 -15.05
CA LEU A 223 -15.81 6.84 -16.19
C LEU A 223 -15.63 5.49 -16.90
N GLY A 224 -16.68 5.10 -17.61
CA GLY A 224 -16.71 3.86 -18.36
C GLY A 224 -16.50 4.07 -19.83
N ALA A 225 -17.09 3.19 -20.65
CA ALA A 225 -16.80 3.20 -22.07
C ALA A 225 -17.29 4.46 -22.76
N ASN A 226 -18.31 5.09 -22.20
CA ASN A 226 -18.88 6.30 -22.77
C ASN A 226 -18.23 7.58 -22.24
N TRP A 227 -16.96 7.50 -21.87
CA TRP A 227 -16.30 8.64 -21.24
C TRP A 227 -16.29 9.92 -22.10
N LYS A 228 -16.15 9.82 -23.42
CA LYS A 228 -16.11 11.02 -24.25
C LYS A 228 -17.44 11.76 -24.13
N GLU A 229 -18.53 11.02 -24.18
CA GLU A 229 -19.87 11.60 -24.06
C GLU A 229 -20.03 12.31 -22.72
N VAL A 230 -19.53 11.69 -21.66
CA VAL A 230 -19.60 12.31 -20.34
C VAL A 230 -18.75 13.59 -20.28
N LEU A 231 -17.55 13.58 -20.84
CA LEU A 231 -16.73 14.79 -20.85
C LEU A 231 -17.48 15.92 -21.55
N LEU A 232 -18.16 15.61 -22.64
CA LEU A 232 -18.80 16.68 -23.40
C LEU A 232 -20.08 17.18 -22.73
N LYS A 233 -20.54 16.50 -21.69
CA LYS A 233 -21.62 17.05 -20.86
C LYS A 233 -21.07 18.13 -19.91
N HIS A 234 -19.75 18.16 -19.76
CA HIS A 234 -19.09 19.08 -18.81
C HIS A 234 -18.19 20.14 -19.45
N ILE A 235 -17.77 19.89 -20.69
CA ILE A 235 -16.86 20.74 -21.43
C ILE A 235 -17.30 20.82 -22.87
N SER A 236 -17.32 22.02 -23.42
CA SER A 236 -17.69 22.23 -24.80
C SER A 236 -16.70 21.52 -25.73
N PRO A 237 -17.17 20.94 -26.85
CA PRO A 237 -16.26 20.20 -27.74
C PRO A 237 -15.09 21.03 -28.25
N ASP A 238 -15.28 22.33 -28.48
CA ASP A 238 -14.23 23.19 -29.00
C ASP A 238 -13.11 23.42 -27.97
N GLN A 239 -13.40 23.05 -26.72
CA GLN A 239 -12.45 23.18 -25.61
C GLN A 239 -11.74 21.86 -25.28
N VAL A 240 -12.05 20.78 -25.98
CA VAL A 240 -11.48 19.45 -25.73
C VAL A 240 -10.68 19.00 -26.94
N PRO A 241 -9.44 18.53 -26.72
CA PRO A 241 -8.70 17.97 -27.86
C PRO A 241 -9.50 16.90 -28.61
N VAL A 242 -9.30 16.84 -29.91
CA VAL A 242 -9.81 15.73 -30.69
C VAL A 242 -9.47 14.40 -30.04
N GLU A 243 -8.26 14.29 -29.49
CA GLU A 243 -7.83 13.04 -28.85
C GLU A 243 -8.77 12.60 -27.70
N TYR A 244 -9.42 13.56 -27.06
CA TYR A 244 -10.29 13.30 -25.89
C TYR A 244 -11.76 13.51 -26.21
N GLY A 245 -12.09 13.60 -27.51
CA GLY A 245 -13.48 13.58 -27.96
C GLY A 245 -14.04 14.90 -28.48
N GLY A 246 -13.20 15.94 -28.48
CA GLY A 246 -13.63 17.26 -28.91
C GLY A 246 -13.19 17.58 -30.33
N THR A 247 -13.06 18.87 -30.61
CA THR A 247 -12.65 19.35 -31.92
C THR A 247 -11.39 20.21 -31.87
N MET A 248 -10.80 20.37 -30.68
CA MET A 248 -9.61 21.23 -30.59
C MET A 248 -8.37 20.56 -31.15
N THR A 249 -7.57 21.34 -31.87
CA THR A 249 -6.28 20.89 -32.39
C THR A 249 -5.18 21.91 -32.07
N ASP A 250 -3.92 21.52 -32.28
CA ASP A 250 -2.82 22.47 -32.36
C ASP A 250 -3.04 23.33 -33.62
N PRO A 251 -2.43 24.51 -33.67
CA PRO A 251 -2.46 25.30 -34.92
C PRO A 251 -2.04 24.50 -36.16
N ASP A 252 -1.12 23.54 -36.02
CA ASP A 252 -0.68 22.74 -37.17
C ASP A 252 -1.62 21.56 -37.48
N GLY A 253 -2.75 21.48 -36.78
CA GLY A 253 -3.76 20.43 -37.00
C GLY A 253 -3.65 19.20 -36.10
N ASN A 254 -2.61 19.11 -35.27
CA ASN A 254 -2.40 17.90 -34.47
C ASN A 254 -3.57 17.71 -33.49
N PRO A 255 -4.22 16.54 -33.53
CA PRO A 255 -5.41 16.31 -32.70
C PRO A 255 -5.11 16.10 -31.21
N LYS A 256 -3.83 15.92 -30.88
CA LYS A 256 -3.46 15.73 -29.48
C LYS A 256 -3.22 17.04 -28.72
N CYS A 257 -3.19 18.17 -29.43
CA CYS A 257 -2.97 19.47 -28.80
C CYS A 257 -1.69 19.45 -27.99
N LYS A 258 -0.63 18.96 -28.64
CA LYS A 258 0.68 18.83 -28.00
C LYS A 258 1.32 20.16 -27.63
N SER A 259 0.84 21.26 -28.21
CA SER A 259 1.36 22.57 -27.82
C SER A 259 0.90 22.92 -26.43
N LYS A 260 -0.14 22.24 -25.95
CA LYS A 260 -0.65 22.50 -24.61
C LYS A 260 -0.42 21.33 -23.65
N ILE A 261 -0.47 20.11 -24.18
CA ILE A 261 -0.37 18.89 -23.38
C ILE A 261 0.89 18.10 -23.73
N ASN A 262 1.67 17.77 -22.71
CA ASN A 262 2.83 16.91 -22.87
C ASN A 262 2.43 15.44 -22.74
N TYR A 263 2.91 14.59 -23.65
CA TYR A 263 2.49 13.20 -23.70
C TYR A 263 3.59 12.24 -23.24
N GLY A 264 4.55 12.77 -22.49
CA GLY A 264 5.57 11.94 -21.86
C GLY A 264 6.45 11.18 -22.84
N GLY A 265 6.71 9.92 -22.50
CA GLY A 265 7.58 9.07 -23.29
C GLY A 265 8.76 8.59 -22.48
N ASP A 266 9.42 7.57 -22.99
CA ASP A 266 10.58 7.03 -22.32
C ASP A 266 11.75 8.02 -22.40
N ILE A 267 12.45 8.15 -21.28
CA ILE A 267 13.49 9.15 -21.14
C ILE A 267 14.83 8.58 -21.63
N PRO A 268 15.48 9.30 -22.57
CA PRO A 268 16.80 8.90 -23.06
C PRO A 268 17.84 8.87 -21.96
N ARG A 269 18.79 7.94 -22.08
CA ARG A 269 19.74 7.70 -21.01
C ARG A 269 20.64 8.91 -20.74
N LYS A 270 20.79 9.78 -21.73
CA LYS A 270 21.63 10.97 -21.56
C LYS A 270 21.15 11.85 -20.41
N TYR A 271 19.90 11.69 -19.99
CA TYR A 271 19.36 12.47 -18.88
C TYR A 271 19.59 11.88 -17.50
N TYR A 272 19.96 10.60 -17.43
CA TYR A 272 20.09 9.95 -16.15
C TYR A 272 21.19 10.60 -15.31
N VAL A 273 20.91 10.83 -14.03
CA VAL A 273 21.90 11.44 -13.13
C VAL A 273 22.29 10.53 -11.98
N ARG A 274 21.57 9.41 -11.82
CA ARG A 274 21.91 8.45 -10.78
C ARG A 274 21.59 7.02 -11.22
N ASP A 275 22.14 6.06 -10.47
CA ASP A 275 22.05 4.63 -10.82
C ASP A 275 21.00 3.88 -10.00
N GLN A 276 20.53 4.49 -8.92
CA GLN A 276 19.49 3.90 -8.09
C GLN A 276 18.77 4.98 -7.28
N VAL A 277 17.59 4.64 -6.77
CA VAL A 277 16.80 5.57 -5.95
C VAL A 277 16.41 4.91 -4.64
N MET B 4 28.33 -13.70 17.51
CA MET B 4 27.86 -15.11 17.58
C MET B 4 26.33 -15.18 17.37
N SER B 5 25.80 -16.39 17.12
CA SER B 5 24.44 -16.55 16.57
C SER B 5 23.30 -16.32 17.57
N GLY B 6 23.60 -16.22 18.86
CA GLY B 6 22.55 -16.03 19.85
C GLY B 6 21.67 -17.27 20.06
N ARG B 7 22.22 -18.44 19.75
CA ARG B 7 21.55 -19.72 19.95
C ARG B 7 22.25 -20.53 21.03
N VAL B 8 21.52 -21.46 21.62
CA VAL B 8 22.08 -22.32 22.64
C VAL B 8 23.35 -22.92 22.10
N GLY B 9 24.40 -22.90 22.92
CA GLY B 9 25.67 -23.49 22.55
C GLY B 9 26.62 -22.51 21.87
N ASP B 10 26.10 -21.34 21.50
CA ASP B 10 26.86 -20.38 20.72
C ASP B 10 26.55 -18.94 21.13
N LEU B 11 26.51 -18.71 22.44
CA LEU B 11 26.24 -17.38 22.99
C LEU B 11 27.52 -16.67 23.38
N SER B 12 27.56 -15.36 23.12
CA SER B 12 28.63 -14.51 23.62
C SER B 12 28.43 -14.29 25.11
N PRO B 13 29.48 -13.81 25.81
CA PRO B 13 29.29 -13.47 27.22
C PRO B 13 28.14 -12.49 27.49
N ARG B 14 27.99 -11.44 26.69
CA ARG B 14 26.87 -10.50 26.86
C ARG B 14 25.51 -11.20 26.66
N GLN B 15 25.44 -12.07 25.67
CA GLN B 15 24.21 -12.82 25.40
C GLN B 15 23.87 -13.78 26.55
N LYS B 16 24.86 -14.50 27.06
CA LYS B 16 24.64 -15.40 28.19
C LYS B 16 24.15 -14.65 29.40
N GLU B 17 24.78 -13.51 29.66
CA GLU B 17 24.40 -12.68 30.78
C GLU B 17 22.97 -12.16 30.63
N ALA B 18 22.62 -11.74 29.43
CA ALA B 18 21.28 -11.24 29.16
C ALA B 18 20.24 -12.34 29.34
N LEU B 19 20.56 -13.55 28.86
CA LEU B 19 19.66 -14.70 29.00
C LEU B 19 19.41 -14.99 30.48
N ALA B 20 20.47 -14.95 31.27
CA ALA B 20 20.34 -15.24 32.68
C ALA B 20 19.45 -14.23 33.40
N LYS B 21 19.64 -12.95 33.10
CA LYS B 21 18.79 -11.90 33.65
C LYS B 21 17.36 -12.02 33.17
N PHE B 22 17.20 -12.32 31.88
CA PHE B 22 15.87 -12.46 31.30
C PHE B 22 15.08 -13.53 32.03
N ARG B 23 15.67 -14.72 32.22
CA ARG B 23 14.94 -15.79 32.88
C ARG B 23 14.54 -15.34 34.29
N GLU B 24 15.46 -14.66 34.97
CA GLU B 24 15.18 -14.15 36.31
C GLU B 24 13.98 -13.19 36.27
N ASN B 25 13.98 -12.32 35.26
CA ASN B 25 12.98 -11.27 35.17
C ASN B 25 11.57 -11.75 34.83
N VAL B 26 11.45 -12.82 34.06
CA VAL B 26 10.14 -13.28 33.62
C VAL B 26 9.73 -14.57 34.28
N GLN B 27 10.42 -14.98 35.36
CA GLN B 27 10.14 -16.29 35.93
C GLN B 27 8.71 -16.45 36.41
N ASP B 28 8.06 -15.33 36.73
CA ASP B 28 6.69 -15.36 37.20
C ASP B 28 5.67 -15.84 36.13
N VAL B 29 5.96 -15.66 34.84
CA VAL B 29 5.05 -16.15 33.81
C VAL B 29 5.52 -17.45 33.17
N LEU B 30 6.70 -17.93 33.51
CA LEU B 30 7.18 -19.15 32.83
C LEU B 30 6.29 -20.37 33.09
N PRO B 31 5.65 -20.48 34.28
CA PRO B 31 4.80 -21.66 34.45
C PRO B 31 3.58 -21.69 33.51
N ALA B 32 3.22 -20.55 32.92
CA ALA B 32 2.10 -20.46 31.99
C ALA B 32 2.52 -20.76 30.55
N LEU B 33 3.81 -20.99 30.35
CA LEU B 33 4.36 -21.10 29.01
C LEU B 33 4.82 -22.52 28.72
N PRO B 34 4.75 -22.90 27.43
CA PRO B 34 5.12 -24.24 26.98
C PRO B 34 6.63 -24.39 26.91
N ASN B 35 7.17 -25.29 27.72
CA ASN B 35 8.60 -25.65 27.66
C ASN B 35 9.51 -24.44 27.54
N PRO B 36 9.53 -23.61 28.59
CA PRO B 36 10.33 -22.38 28.61
C PRO B 36 11.82 -22.62 28.82
N ASP B 37 12.41 -23.40 27.93
CA ASP B 37 13.84 -23.70 27.99
C ASP B 37 14.63 -22.55 27.39
N ASP B 38 15.96 -22.67 27.36
CA ASP B 38 16.78 -21.55 26.86
C ASP B 38 16.43 -21.25 25.40
N TYR B 39 16.13 -22.29 24.63
CA TYR B 39 15.81 -22.13 23.21
C TYR B 39 14.61 -21.20 23.08
N PHE B 40 13.59 -21.48 23.88
CA PHE B 40 12.36 -20.69 23.90
C PHE B 40 12.68 -19.22 24.25
N LEU B 41 13.37 -19.01 25.37
CA LEU B 41 13.66 -17.63 25.82
C LEU B 41 14.49 -16.87 24.79
N LEU B 42 15.43 -17.55 24.15
CA LEU B 42 16.31 -16.91 23.20
C LEU B 42 15.58 -16.47 21.92
N ARG B 43 14.42 -17.03 21.63
CA ARG B 43 13.66 -16.56 20.47
C ARG B 43 13.18 -15.12 20.71
N TRP B 44 12.71 -14.85 21.92
CA TRP B 44 12.25 -13.51 22.29
C TRP B 44 13.43 -12.56 22.34
N LEU B 45 14.53 -12.98 22.96
CA LEU B 45 15.73 -12.14 23.03
C LEU B 45 16.28 -11.84 21.64
N ARG B 46 16.41 -12.84 20.76
CA ARG B 46 16.95 -12.54 19.42
C ARG B 46 16.03 -11.57 18.68
N ALA B 47 14.73 -11.71 18.87
CA ALA B 47 13.76 -10.89 18.16
C ALA B 47 13.84 -9.43 18.58
N ARG B 48 14.43 -9.15 19.75
CA ARG B 48 14.60 -7.76 20.19
C ARG B 48 16.06 -7.42 20.48
N SER B 49 16.96 -8.12 19.80
CA SER B 49 18.40 -7.89 19.87
C SER B 49 18.92 -7.87 21.30
N PHE B 50 18.37 -8.75 22.13
CA PHE B 50 18.80 -8.94 23.51
C PHE B 50 18.57 -7.70 24.38
N ASP B 51 17.68 -6.82 23.94
CA ASP B 51 17.19 -5.76 24.80
C ASP B 51 16.25 -6.33 25.86
N LEU B 52 16.63 -6.26 27.13
CA LEU B 52 15.84 -6.90 28.16
C LEU B 52 14.43 -6.36 28.35
N GLN B 53 14.27 -5.04 28.29
CA GLN B 53 12.97 -4.41 28.48
CA GLN B 53 12.96 -4.45 28.51
C GLN B 53 12.01 -4.80 27.36
N LYS B 54 12.49 -4.69 26.12
CA LYS B 54 11.65 -4.96 24.96
C LYS B 54 11.33 -6.46 24.86
N SER B 55 12.34 -7.30 25.13
CA SER B 55 12.12 -8.74 25.10
C SER B 55 11.09 -9.14 26.12
N GLU B 56 11.14 -8.58 27.33
CA GLU B 56 10.15 -8.92 28.34
C GLU B 56 8.75 -8.41 27.98
N ALA B 57 8.68 -7.19 27.44
CA ALA B 57 7.40 -6.63 27.00
C ALA B 57 6.77 -7.53 25.93
N MET B 58 7.61 -7.98 24.99
CA MET B 58 7.16 -8.84 23.91
C MET B 58 6.60 -10.17 24.45
N LEU B 59 7.38 -10.79 25.36
CA LEU B 59 6.94 -12.05 25.96
C LEU B 59 5.70 -11.88 26.82
N ARG B 60 5.62 -10.81 27.61
CA ARG B 60 4.45 -10.66 28.47
C ARG B 60 3.18 -10.40 27.64
N LYS B 61 3.32 -9.70 26.52
CA LYS B 61 2.17 -9.53 25.62
C LYS B 61 1.74 -10.87 25.07
N HIS B 62 2.72 -11.72 24.75
CA HIS B 62 2.40 -13.06 24.28
C HIS B 62 1.66 -13.91 25.31
N VAL B 63 2.07 -13.82 26.57
CA VAL B 63 1.36 -14.51 27.64
C VAL B 63 -0.13 -14.14 27.67
N GLU B 64 -0.40 -12.86 27.50
CA GLU B 64 -1.76 -12.36 27.49
C GLU B 64 -2.53 -12.87 26.26
N PHE B 65 -1.87 -12.84 25.11
CA PHE B 65 -2.42 -13.43 23.89
C PHE B 65 -2.79 -14.90 24.07
N ARG B 66 -1.93 -15.68 24.72
CA ARG B 66 -2.20 -17.10 24.90
C ARG B 66 -3.47 -17.31 25.71
N LYS B 67 -3.65 -16.44 26.70
CA LYS B 67 -4.81 -16.50 27.59
C LYS B 67 -6.08 -16.14 26.80
N GLN B 68 -6.02 -15.03 26.09
CA GLN B 68 -7.16 -14.50 25.34
C GLN B 68 -7.63 -15.43 24.23
N LYS B 69 -6.69 -16.11 23.58
CA LYS B 69 -7.01 -17.00 22.48
C LYS B 69 -7.04 -18.47 22.85
N ASP B 70 -6.89 -18.80 24.14
CA ASP B 70 -6.97 -20.19 24.58
C ASP B 70 -6.04 -21.07 23.76
N ILE B 71 -4.83 -20.59 23.58
CA ILE B 71 -3.86 -21.25 22.71
C ILE B 71 -3.52 -22.67 23.20
N ASP B 72 -3.57 -22.92 24.52
CA ASP B 72 -3.23 -24.25 25.02
C ASP B 72 -4.17 -25.31 24.50
N ASN B 73 -5.38 -24.91 24.12
CA ASN B 73 -6.38 -25.85 23.61
C ASN B 73 -6.76 -25.69 22.13
N ILE B 74 -6.02 -24.87 21.38
CA ILE B 74 -6.44 -24.53 20.01
C ILE B 74 -6.25 -25.69 19.05
N ILE B 75 -5.35 -26.62 19.36
CA ILE B 75 -5.15 -27.70 18.41
C ILE B 75 -6.39 -28.58 18.28
N SER B 76 -7.15 -28.70 19.36
CA SER B 76 -8.38 -29.50 19.30
C SER B 76 -9.57 -28.74 18.67
N TRP B 77 -9.38 -27.46 18.34
CA TRP B 77 -10.43 -26.67 17.67
C TRP B 77 -10.44 -26.86 16.17
N GLN B 78 -11.48 -27.49 15.63
CA GLN B 78 -11.62 -27.63 14.19
C GLN B 78 -12.36 -26.40 13.62
N PRO B 79 -11.78 -25.75 12.60
CA PRO B 79 -12.45 -24.56 12.04
C PRO B 79 -13.83 -24.88 11.45
N PRO B 80 -14.67 -23.87 11.25
CA PRO B 80 -15.93 -24.01 10.52
C PRO B 80 -15.75 -24.62 9.13
N GLU B 81 -16.83 -25.14 8.58
CA GLU B 81 -16.79 -25.94 7.40
C GLU B 81 -16.13 -25.21 6.22
N VAL B 82 -16.50 -23.96 6.00
CA VAL B 82 -16.01 -23.26 4.82
C VAL B 82 -14.49 -23.09 4.89
N ILE B 83 -13.97 -22.89 6.10
CA ILE B 83 -12.53 -22.75 6.28
C ILE B 83 -11.83 -24.10 6.11
N GLN B 84 -12.35 -25.13 6.79
CA GLN B 84 -11.79 -26.46 6.65
C GLN B 84 -11.74 -26.90 5.18
N GLN B 85 -12.77 -26.56 4.42
CA GLN B 85 -12.86 -27.04 3.05
C GLN B 85 -12.10 -26.19 2.04
N TYR B 86 -11.98 -24.89 2.25
CA TYR B 86 -11.46 -23.99 1.20
C TYR B 86 -10.26 -23.12 1.57
N LEU B 87 -9.81 -23.13 2.82
CA LEU B 87 -8.61 -22.39 3.17
C LEU B 87 -7.41 -23.22 2.75
N SER B 88 -6.72 -22.74 1.72
CA SER B 88 -5.65 -23.53 1.13
C SER B 88 -4.40 -23.62 2.02
N GLY B 89 -3.55 -24.59 1.68
CA GLY B 89 -2.28 -24.76 2.32
C GLY B 89 -2.20 -26.04 3.13
N GLY B 90 -1.02 -26.34 3.66
CA GLY B 90 -0.91 -27.49 4.52
C GLY B 90 0.50 -27.92 4.83
N MET B 91 0.65 -28.74 5.87
CA MET B 91 1.95 -29.21 6.28
C MET B 91 2.27 -30.47 5.51
N CYS B 92 3.44 -30.51 4.88
CA CYS B 92 3.79 -31.65 4.06
C CYS B 92 5.29 -31.82 3.97
N GLY B 93 5.80 -32.91 4.56
CA GLY B 93 7.22 -33.21 4.51
C GLY B 93 8.09 -32.42 5.48
N TYR B 94 9.36 -32.79 5.48
CA TYR B 94 10.40 -32.17 6.28
C TYR B 94 11.55 -31.81 5.39
N ASP B 95 12.26 -30.72 5.69
CA ASP B 95 13.40 -30.33 4.88
C ASP B 95 14.64 -31.15 5.29
N LEU B 96 15.77 -30.87 4.66
CA LEU B 96 16.95 -31.73 4.81
C LEU B 96 17.52 -31.69 6.22
N ASP B 97 17.19 -30.65 6.97
CA ASP B 97 17.59 -30.52 8.38
C ASP B 97 16.53 -31.06 9.39
N GLY B 98 15.42 -31.54 8.86
CA GLY B 98 14.37 -32.11 9.66
C GLY B 98 13.28 -31.12 10.06
N CYS B 99 13.34 -29.91 9.51
CA CYS B 99 12.31 -28.92 9.84
C CYS B 99 11.02 -29.15 9.06
N PRO B 100 9.87 -28.99 9.73
CA PRO B 100 8.59 -29.12 9.03
C PRO B 100 8.46 -28.12 7.86
N VAL B 101 7.81 -28.57 6.81
CA VAL B 101 7.53 -27.72 5.63
C VAL B 101 6.04 -27.45 5.54
N TRP B 102 5.70 -26.18 5.32
CA TRP B 102 4.34 -25.73 5.15
C TRP B 102 4.22 -25.15 3.74
N TYR B 103 3.17 -25.56 3.03
CA TYR B 103 2.83 -25.05 1.70
C TYR B 103 1.69 -24.04 1.79
N ASP B 104 1.91 -22.85 1.24
CA ASP B 104 0.86 -21.87 1.05
C ASP B 104 0.52 -21.85 -0.44
N ILE B 105 -0.77 -21.88 -0.78
CA ILE B 105 -1.22 -21.96 -2.16
C ILE B 105 -2.15 -20.77 -2.42
N ILE B 106 -1.60 -19.70 -2.98
CA ILE B 106 -2.29 -18.41 -3.04
C ILE B 106 -3.29 -18.33 -4.18
N GLY B 107 -2.91 -18.80 -5.37
CA GLY B 107 -3.72 -18.62 -6.57
C GLY B 107 -5.19 -18.98 -6.44
N PRO B 108 -5.48 -20.22 -6.01
CA PRO B 108 -6.87 -20.69 -5.92
C PRO B 108 -7.59 -20.26 -4.64
N LEU B 109 -6.92 -19.50 -3.79
CA LEU B 109 -7.54 -18.96 -2.60
C LEU B 109 -8.60 -17.92 -2.96
N ASP B 110 -9.84 -18.17 -2.53
CA ASP B 110 -10.95 -17.26 -2.75
C ASP B 110 -11.07 -16.32 -1.56
N ALA B 111 -10.24 -15.28 -1.54
CA ALA B 111 -10.12 -14.46 -0.35
C ALA B 111 -11.44 -13.74 -0.07
N LYS B 112 -12.07 -13.24 -1.11
CA LYS B 112 -13.36 -12.60 -0.96
C LYS B 112 -14.45 -13.54 -0.45
N GLY B 113 -14.54 -14.73 -1.05
CA GLY B 113 -15.49 -15.74 -0.60
C GLY B 113 -15.26 -16.10 0.86
N LEU B 114 -14.00 -16.21 1.27
CA LEU B 114 -13.72 -16.55 2.66
C LEU B 114 -14.17 -15.44 3.62
N LEU B 115 -13.87 -14.19 3.28
CA LEU B 115 -14.27 -13.10 4.16
C LEU B 115 -15.80 -12.87 4.16
N PHE B 116 -16.48 -13.30 3.10
CA PHE B 116 -17.95 -13.23 3.06
CA PHE B 116 -17.95 -13.23 3.07
C PHE B 116 -18.59 -14.42 3.78
N SER B 117 -17.78 -15.41 4.14
CA SER B 117 -18.31 -16.68 4.69
C SER B 117 -17.81 -17.02 6.10
N ALA B 118 -16.91 -16.20 6.62
CA ALA B 118 -16.31 -16.48 7.92
C ALA B 118 -15.97 -15.19 8.58
N SER B 119 -15.94 -15.19 9.90
CA SER B 119 -15.47 -14.03 10.61
C SER B 119 -13.97 -13.92 10.48
N LYS B 120 -13.48 -12.70 10.54
CA LYS B 120 -12.05 -12.48 10.57
C LYS B 120 -11.43 -13.18 11.80
N GLN B 121 -12.14 -13.18 12.93
CA GLN B 121 -11.57 -13.80 14.10
C GLN B 121 -11.36 -15.31 13.90
N ASP B 122 -12.30 -15.98 13.25
CA ASP B 122 -12.15 -17.41 13.02
C ASP B 122 -11.05 -17.70 11.98
N LEU B 123 -10.88 -16.82 10.99
CA LEU B 123 -9.82 -16.99 10.00
C LEU B 123 -8.47 -16.84 10.67
N LEU B 124 -8.33 -15.83 11.51
CA LEU B 124 -7.08 -15.62 12.25
C LEU B 124 -6.84 -16.76 13.24
N ARG B 125 -7.91 -17.25 13.88
CA ARG B 125 -7.77 -18.34 14.83
C ARG B 125 -7.26 -19.59 14.11
N THR B 126 -7.71 -19.80 12.89
CA THR B 126 -7.26 -20.93 12.10
C THR B 126 -5.78 -20.83 11.78
N LYS B 127 -5.31 -19.64 11.46
CA LYS B 127 -3.87 -19.42 11.24
C LYS B 127 -3.05 -19.66 12.52
N MET B 128 -3.54 -19.20 13.67
CA MET B 128 -2.89 -19.49 14.94
C MET B 128 -2.76 -20.99 15.16
N ARG B 129 -3.83 -21.71 14.85
CA ARG B 129 -3.83 -23.16 15.00
C ARG B 129 -2.77 -23.80 14.09
N GLU B 130 -2.64 -23.28 12.86
CA GLU B 130 -1.61 -23.79 11.95
C GLU B 130 -0.22 -23.61 12.56
N CYS B 131 0.01 -22.45 13.15
CA CYS B 131 1.28 -22.17 13.79
C CYS B 131 1.54 -23.13 14.95
N GLU B 132 0.52 -23.36 15.76
CA GLU B 132 0.68 -24.31 16.86
C GLU B 132 0.93 -25.73 16.38
N LEU B 133 0.24 -26.15 15.32
CA LEU B 133 0.47 -27.46 14.73
C LEU B 133 1.92 -27.60 14.22
N LEU B 134 2.43 -26.54 13.60
CA LEU B 134 3.82 -26.55 13.14
C LEU B 134 4.79 -26.66 14.33
N LEU B 135 4.54 -25.92 15.40
CA LEU B 135 5.47 -25.99 16.54
C LEU B 135 5.38 -27.33 17.24
N GLN B 136 4.21 -27.94 17.25
CA GLN B 136 4.06 -29.29 17.76
C GLN B 136 4.88 -30.27 16.92
N GLU B 137 4.85 -30.11 15.59
CA GLU B 137 5.64 -30.96 14.72
C GLU B 137 7.12 -30.76 14.98
N CYS B 138 7.53 -29.51 15.25
CA CYS B 138 8.94 -29.21 15.59
C CYS B 138 9.32 -29.98 16.87
N ALA B 139 8.42 -29.99 17.85
CA ALA B 139 8.72 -30.69 19.10
C ALA B 139 8.85 -32.20 18.85
N HIS B 140 7.98 -32.73 18.02
CA HIS B 140 8.07 -34.13 17.67
C HIS B 140 9.37 -34.43 16.91
N GLN B 141 9.76 -33.57 15.98
CA GLN B 141 11.02 -33.79 15.27
C GLN B 141 12.22 -33.73 16.24
N THR B 142 12.13 -32.83 17.20
CA THR B 142 13.20 -32.66 18.19
C THR B 142 13.45 -33.98 18.90
N THR B 143 12.39 -34.60 19.35
CA THR B 143 12.47 -35.91 20.02
C THR B 143 13.01 -36.99 19.07
N LYS B 144 12.50 -37.01 17.84
CA LYS B 144 12.90 -38.01 16.86
C LYS B 144 14.39 -37.91 16.49
N LEU B 145 14.89 -36.68 16.32
CA LEU B 145 16.23 -36.49 15.79
C LEU B 145 17.29 -36.28 16.85
N GLY B 146 16.87 -36.03 18.09
CA GLY B 146 17.80 -35.86 19.20
C GLY B 146 18.55 -34.56 19.20
N ARG B 147 18.01 -33.57 18.50
CA ARG B 147 18.55 -32.22 18.50
C ARG B 147 17.38 -31.25 18.32
N LYS B 148 17.55 -30.02 18.73
CA LYS B 148 16.46 -29.06 18.75
C LYS B 148 16.06 -28.65 17.33
N VAL B 149 14.79 -28.87 17.02
CA VAL B 149 14.15 -28.38 15.81
C VAL B 149 13.07 -27.40 16.26
N GLU B 150 13.17 -26.16 15.81
CA GLU B 150 12.22 -25.12 16.24
C GLU B 150 11.91 -24.10 15.15
N THR B 151 12.25 -24.43 13.90
CA THR B 151 11.96 -23.53 12.79
C THR B 151 11.30 -24.26 11.64
N ILE B 152 10.73 -23.50 10.72
CA ILE B 152 9.94 -24.08 9.64
C ILE B 152 10.33 -23.50 8.28
N THR B 153 10.22 -24.33 7.25
CA THR B 153 10.43 -23.91 5.88
C THR B 153 9.08 -23.76 5.23
N ILE B 154 8.87 -22.64 4.52
CA ILE B 154 7.61 -22.42 3.82
C ILE B 154 7.83 -22.36 2.34
N ILE B 155 6.97 -23.05 1.59
CA ILE B 155 6.92 -22.97 0.14
C ILE B 155 5.68 -22.17 -0.15
N TYR B 156 5.88 -21.01 -0.77
CA TYR B 156 4.84 -20.02 -0.96
C TYR B 156 4.51 -19.92 -2.45
N ASP B 157 3.47 -20.63 -2.88
CA ASP B 157 3.17 -20.77 -4.30
C ASP B 157 2.28 -19.62 -4.77
N CYS B 158 2.84 -18.72 -5.56
CA CYS B 158 2.14 -17.54 -6.03
C CYS B 158 1.67 -17.68 -7.45
N GLU B 159 1.68 -18.90 -7.99
CA GLU B 159 1.04 -19.10 -9.29
C GLU B 159 -0.43 -18.69 -9.17
N GLY B 160 -0.87 -17.86 -10.09
CA GLY B 160 -2.24 -17.43 -10.10
C GLY B 160 -2.56 -16.25 -9.19
N LEU B 161 -1.55 -15.73 -8.49
CA LEU B 161 -1.70 -14.47 -7.76
C LEU B 161 -2.22 -13.39 -8.70
N GLY B 162 -3.27 -12.67 -8.29
CA GLY B 162 -3.94 -11.78 -9.21
C GLY B 162 -4.55 -10.61 -8.47
N LEU B 163 -5.15 -9.69 -9.22
CA LEU B 163 -5.70 -8.50 -8.61
C LEU B 163 -6.78 -8.83 -7.59
N LYS B 164 -7.48 -9.94 -7.80
CA LYS B 164 -8.54 -10.33 -6.86
C LYS B 164 -7.99 -10.59 -5.46
N HIS B 165 -6.72 -10.97 -5.35
CA HIS B 165 -6.12 -11.21 -4.04
C HIS B 165 -5.77 -9.93 -3.30
N LEU B 166 -5.74 -8.80 -4.00
CA LEU B 166 -5.33 -7.53 -3.43
C LEU B 166 -6.52 -6.64 -3.07
N TRP B 167 -7.70 -7.24 -3.08
CA TRP B 167 -8.89 -6.63 -2.53
C TRP B 167 -8.58 -6.12 -1.13
N LYS B 168 -8.87 -4.86 -0.87
CA LYS B 168 -8.31 -4.23 0.32
C LYS B 168 -8.68 -4.95 1.64
N PRO B 169 -9.93 -5.41 1.80
CA PRO B 169 -10.20 -6.09 3.09
C PRO B 169 -9.39 -7.37 3.27
N ALA B 170 -9.08 -8.04 2.16
CA ALA B 170 -8.23 -9.23 2.22
C ALA B 170 -6.81 -8.89 2.65
N VAL B 171 -6.24 -7.84 2.07
CA VAL B 171 -4.88 -7.40 2.42
C VAL B 171 -4.83 -7.01 3.89
N GLU B 172 -5.86 -6.32 4.34
CA GLU B 172 -5.88 -5.86 5.72
C GLU B 172 -5.97 -7.04 6.70
N ALA B 173 -6.79 -8.03 6.37
CA ALA B 173 -6.94 -9.21 7.21
C ALA B 173 -5.62 -10.00 7.21
N TYR B 174 -4.99 -10.07 6.06
CA TYR B 174 -3.74 -10.81 5.96
C TYR B 174 -2.66 -10.11 6.77
N GLY B 175 -2.69 -8.79 6.75
CA GLY B 175 -1.75 -8.02 7.55
C GLY B 175 -1.94 -8.27 9.05
N GLU B 176 -3.17 -8.46 9.47
CA GLU B 176 -3.42 -8.80 10.88
C GLU B 176 -2.83 -10.15 11.23
N PHE B 177 -2.96 -11.13 10.32
CA PHE B 177 -2.27 -12.42 10.52
C PHE B 177 -0.77 -12.24 10.64
N LEU B 178 -0.17 -11.49 9.70
CA LEU B 178 1.27 -11.33 9.72
C LEU B 178 1.73 -10.66 11.01
N CYS B 179 0.99 -9.66 11.51
CA CYS B 179 1.37 -9.05 12.78
C CYS B 179 1.27 -10.07 13.93
N MET B 180 0.22 -10.88 13.92
CA MET B 180 0.03 -11.92 14.93
C MET B 180 1.23 -12.86 14.91
N PHE B 181 1.61 -13.28 13.71
CA PHE B 181 2.74 -14.19 13.53
C PHE B 181 4.02 -13.58 14.07
N GLU B 182 4.29 -12.33 13.71
CA GLU B 182 5.53 -11.69 14.13
C GLU B 182 5.59 -11.46 15.64
N GLU B 183 4.45 -11.19 16.27
CA GLU B 183 4.42 -10.92 17.69
C GLU B 183 4.37 -12.17 18.56
N ASN B 184 3.90 -13.28 18.01
CA ASN B 184 3.68 -14.46 18.83
C ASN B 184 4.49 -15.70 18.45
N TYR B 185 5.11 -15.68 17.27
CA TYR B 185 5.96 -16.78 16.77
C TYR B 185 7.30 -16.25 16.32
N PRO B 186 7.97 -15.48 17.19
CA PRO B 186 9.26 -14.94 16.78
C PRO B 186 10.26 -16.03 16.46
N GLU B 187 11.14 -15.77 15.49
CA GLU B 187 12.28 -16.64 15.20
C GLU B 187 11.88 -18.06 14.91
N THR B 188 10.72 -18.21 14.30
CA THR B 188 10.17 -19.52 13.95
CA THR B 188 10.16 -19.51 13.94
C THR B 188 10.37 -19.80 12.46
N LEU B 189 10.33 -18.77 11.65
CA LEU B 189 10.60 -18.96 10.22
C LEU B 189 12.07 -19.24 9.95
N LYS B 190 12.37 -20.31 9.23
CA LYS B 190 13.72 -20.60 8.75
C LYS B 190 13.97 -19.95 7.38
N ARG B 191 13.05 -20.22 6.48
CA ARG B 191 13.13 -19.74 5.10
C ARG B 191 11.77 -19.81 4.47
N LEU B 192 11.49 -18.85 3.59
CA LEU B 192 10.28 -18.85 2.81
C LEU B 192 10.66 -18.72 1.34
N PHE B 193 10.32 -19.74 0.57
CA PHE B 193 10.59 -19.77 -0.86
C PHE B 193 9.35 -19.35 -1.64
N VAL B 194 9.41 -18.23 -2.33
CA VAL B 194 8.30 -17.82 -3.19
C VAL B 194 8.52 -18.49 -4.55
N VAL B 195 7.56 -19.29 -4.98
CA VAL B 195 7.67 -19.96 -6.27
C VAL B 195 6.56 -19.52 -7.23
N LYS B 196 6.93 -19.44 -8.51
CA LYS B 196 6.00 -19.13 -9.58
C LYS B 196 5.33 -17.77 -9.45
N ALA B 197 6.06 -16.82 -8.89
CA ALA B 197 5.57 -15.45 -8.72
C ALA B 197 5.34 -14.80 -10.07
N PRO B 198 4.15 -14.26 -10.30
CA PRO B 198 3.92 -13.49 -11.55
C PRO B 198 4.39 -12.05 -11.44
N LYS B 199 4.16 -11.27 -12.50
CA LYS B 199 4.65 -9.91 -12.50
C LYS B 199 4.01 -9.00 -11.44
N LEU B 200 2.83 -9.37 -10.96
CA LEU B 200 2.16 -8.63 -9.89
C LEU B 200 2.87 -8.74 -8.53
N PHE B 201 3.76 -9.71 -8.39
CA PHE B 201 4.30 -10.03 -7.07
C PHE B 201 4.94 -8.83 -6.33
N PRO B 202 5.80 -8.04 -7.00
CA PRO B 202 6.42 -6.93 -6.24
C PRO B 202 5.43 -5.95 -5.63
N VAL B 203 4.34 -5.65 -6.34
CA VAL B 203 3.32 -4.77 -5.79
C VAL B 203 2.61 -5.44 -4.59
N ALA B 204 2.29 -6.71 -4.72
CA ALA B 204 1.69 -7.47 -3.62
C ALA B 204 2.63 -7.49 -2.43
N TYR B 205 3.90 -7.80 -2.66
CA TYR B 205 4.89 -7.85 -1.57
C TYR B 205 4.99 -6.50 -0.87
N ASN B 206 5.00 -5.42 -1.63
CA ASN B 206 5.08 -4.10 -1.01
C ASN B 206 3.90 -3.76 -0.14
N LEU B 207 2.73 -4.31 -0.46
CA LEU B 207 1.55 -4.10 0.35
C LEU B 207 1.65 -4.74 1.72
N ILE B 208 2.40 -5.82 1.84
CA ILE B 208 2.45 -6.45 3.16
C ILE B 208 3.80 -6.32 3.84
N LYS B 209 4.81 -5.76 3.17
CA LYS B 209 6.10 -5.50 3.81
C LYS B 209 6.00 -4.73 5.13
N PRO B 210 5.06 -3.78 5.25
CA PRO B 210 4.98 -3.04 6.51
C PRO B 210 4.65 -3.93 7.72
N PHE B 211 4.11 -5.12 7.48
CA PHE B 211 3.70 -5.98 8.59
C PHE B 211 4.79 -6.97 9.00
N LEU B 212 5.89 -7.02 8.24
CA LEU B 212 6.96 -7.98 8.45
C LEU B 212 8.14 -7.42 9.21
N SER B 213 8.77 -8.25 10.03
CA SER B 213 10.02 -7.87 10.67
C SER B 213 11.16 -7.92 9.68
N GLU B 214 12.26 -7.25 10.03
CA GLU B 214 13.47 -7.34 9.24
C GLU B 214 13.98 -8.79 9.20
N ASP B 215 13.87 -9.52 10.30
CA ASP B 215 14.28 -10.93 10.33
C ASP B 215 13.52 -11.76 9.28
N THR B 216 12.20 -11.57 9.23
CA THR B 216 11.36 -12.27 8.27
C THR B 216 11.75 -11.89 6.85
N ARG B 217 11.91 -10.59 6.60
CA ARG B 217 12.28 -10.12 5.27
CA ARG B 217 12.28 -10.12 5.27
C ARG B 217 13.56 -10.77 4.76
N LYS B 218 14.54 -10.93 5.64
CA LYS B 218 15.81 -11.53 5.24
C LYS B 218 15.68 -13.01 4.88
N LYS B 219 14.60 -13.65 5.33
CA LYS B 219 14.41 -15.07 5.08
C LYS B 219 13.51 -15.39 3.90
N ILE B 220 12.99 -14.35 3.25
CA ILE B 220 12.12 -14.51 2.08
C ILE B 220 12.99 -14.55 0.82
N MET B 221 12.93 -15.67 0.12
CA MET B 221 13.70 -15.86 -1.11
CA MET B 221 13.72 -15.86 -1.11
C MET B 221 12.76 -15.99 -2.29
N VAL B 222 12.80 -15.03 -3.21
CA VAL B 222 11.95 -15.06 -4.37
C VAL B 222 12.70 -15.84 -5.46
N LEU B 223 12.19 -17.02 -5.80
CA LEU B 223 12.91 -17.89 -6.72
C LEU B 223 12.57 -17.57 -8.16
N GLY B 224 13.45 -18.01 -9.05
CA GLY B 224 13.24 -17.80 -10.47
C GLY B 224 12.70 -19.05 -11.14
N ALA B 225 13.00 -19.19 -12.42
CA ALA B 225 12.38 -20.25 -13.20
C ALA B 225 12.85 -21.63 -12.79
N ASN B 226 14.05 -21.72 -12.22
CA ASN B 226 14.61 -22.98 -11.74
C ASN B 226 14.22 -23.30 -10.30
N TRP B 227 13.02 -22.90 -9.91
CA TRP B 227 12.59 -23.08 -8.53
C TRP B 227 12.59 -24.55 -8.07
N LYS B 228 12.28 -25.51 -8.94
CA LYS B 228 12.27 -26.89 -8.55
C LYS B 228 13.66 -27.32 -8.12
N GLU B 229 14.65 -26.91 -8.91
CA GLU B 229 16.04 -27.22 -8.59
C GLU B 229 16.42 -26.70 -7.21
N VAL B 230 16.04 -25.45 -6.95
CA VAL B 230 16.37 -24.84 -5.66
C VAL B 230 15.63 -25.52 -4.51
N LEU B 231 14.35 -25.83 -4.69
CA LEU B 231 13.63 -26.55 -3.62
C LEU B 231 14.31 -27.86 -3.30
N LEU B 232 14.77 -28.56 -4.32
CA LEU B 232 15.32 -29.90 -4.11
C LEU B 232 16.76 -29.88 -3.57
N LYS B 233 17.38 -28.71 -3.52
CA LYS B 233 18.63 -28.54 -2.83
C LYS B 233 18.39 -28.39 -1.34
N HIS B 234 17.15 -28.13 -0.94
CA HIS B 234 16.80 -27.86 0.46
C HIS B 234 15.92 -28.93 1.10
N ILE B 235 15.25 -29.69 0.26
CA ILE B 235 14.32 -30.70 0.67
C ILE B 235 14.49 -31.93 -0.20
N SER B 236 14.53 -33.09 0.43
CA SER B 236 14.66 -34.35 -0.30
C SER B 236 13.45 -34.59 -1.18
N PRO B 237 13.66 -35.16 -2.39
CA PRO B 237 12.52 -35.34 -3.30
C PRO B 237 11.38 -36.17 -2.73
N ASP B 238 11.67 -37.14 -1.86
CA ASP B 238 10.64 -37.97 -1.31
CA ASP B 238 10.61 -37.98 -1.33
C ASP B 238 9.77 -37.20 -0.32
N GLN B 239 10.23 -36.02 0.07
CA GLN B 239 9.50 -35.15 1.00
C GLN B 239 8.72 -34.03 0.31
N VAL B 240 8.79 -33.98 -1.01
CA VAL B 240 8.14 -32.94 -1.82
C VAL B 240 7.10 -33.54 -2.77
N PRO B 241 5.89 -32.98 -2.79
CA PRO B 241 4.92 -33.48 -3.76
C PRO B 241 5.46 -33.48 -5.20
N VAL B 242 5.02 -34.47 -5.99
CA VAL B 242 5.27 -34.45 -7.43
C VAL B 242 4.91 -33.09 -8.02
N GLU B 243 3.83 -32.49 -7.53
CA GLU B 243 3.38 -31.18 -8.03
C GLU B 243 4.46 -30.09 -7.90
N TYR B 244 5.32 -30.24 -6.90
CA TYR B 244 6.36 -29.24 -6.61
C TYR B 244 7.75 -29.78 -6.96
N GLY B 245 7.79 -30.88 -7.72
CA GLY B 245 9.05 -31.34 -8.30
C GLY B 245 9.64 -32.56 -7.63
N GLY B 246 8.97 -33.07 -6.59
CA GLY B 246 9.48 -34.22 -5.86
C GLY B 246 8.81 -35.49 -6.34
N THR B 247 8.78 -36.49 -5.47
CA THR B 247 8.21 -37.78 -5.80
C THR B 247 7.06 -38.21 -4.88
N MET B 248 6.69 -37.36 -3.92
CA MET B 248 5.63 -37.72 -2.99
C MET B 248 4.26 -37.64 -3.62
N THR B 249 3.42 -38.61 -3.31
CA THR B 249 2.03 -38.61 -3.76
C THR B 249 1.06 -38.93 -2.62
N ASP B 250 -0.22 -38.74 -2.88
CA ASP B 250 -1.23 -39.34 -2.03
C ASP B 250 -1.12 -40.86 -2.22
N PRO B 251 -1.61 -41.64 -1.24
CA PRO B 251 -1.69 -43.10 -1.39
C PRO B 251 -2.35 -43.54 -2.70
N ASP B 252 -3.33 -42.79 -3.19
CA ASP B 252 -3.97 -43.13 -4.46
C ASP B 252 -3.17 -42.62 -5.66
N GLY B 253 -1.98 -42.07 -5.40
CA GLY B 253 -1.11 -41.64 -6.49
C GLY B 253 -1.24 -40.18 -6.91
N ASN B 254 -2.16 -39.45 -6.30
CA ASN B 254 -2.39 -38.06 -6.70
C ASN B 254 -1.11 -37.25 -6.43
N PRO B 255 -0.57 -36.59 -7.48
CA PRO B 255 0.71 -35.88 -7.34
C PRO B 255 0.62 -34.60 -6.51
N LYS B 256 -0.59 -34.14 -6.21
CA LYS B 256 -0.75 -32.92 -5.43
C LYS B 256 -0.69 -33.12 -3.92
N CYS B 257 -0.70 -34.38 -3.47
CA CYS B 257 -0.68 -34.69 -2.05
C CYS B 257 -1.82 -33.97 -1.33
N LYS B 258 -3.03 -34.09 -1.88
CA LYS B 258 -4.21 -33.41 -1.34
C LYS B 258 -4.61 -33.90 0.03
N SER B 259 -4.10 -35.06 0.44
CA SER B 259 -4.37 -35.55 1.79
C SER B 259 -3.64 -34.70 2.82
N LYS B 260 -2.62 -33.97 2.38
CA LYS B 260 -1.86 -33.10 3.27
C LYS B 260 -2.06 -31.60 2.98
N ILE B 261 -2.26 -31.24 1.71
CA ILE B 261 -2.33 -29.86 1.27
C ILE B 261 -3.71 -29.56 0.69
N ASN B 262 -4.34 -28.48 1.19
CA ASN B 262 -5.59 -27.99 0.66
C ASN B 262 -5.33 -27.04 -0.51
N TYR B 263 -6.06 -27.20 -1.62
CA TYR B 263 -5.81 -26.39 -2.83
C TYR B 263 -6.90 -25.35 -3.08
N GLY B 264 -7.63 -24.98 -2.02
CA GLY B 264 -8.59 -23.89 -2.12
C GLY B 264 -9.71 -24.13 -3.11
N GLY B 265 -10.03 -23.09 -3.88
CA GLY B 265 -11.13 -23.13 -4.83
C GLY B 265 -12.18 -22.09 -4.54
N ASP B 266 -13.02 -21.81 -5.52
CA ASP B 266 -14.07 -20.84 -5.32
C ASP B 266 -15.11 -21.35 -4.35
N ILE B 267 -15.55 -20.48 -3.46
CA ILE B 267 -16.45 -20.89 -2.40
C ILE B 267 -17.92 -20.82 -2.86
N PRO B 268 -18.67 -21.92 -2.72
CA PRO B 268 -20.10 -21.90 -3.08
C PRO B 268 -20.91 -20.90 -2.25
N ARG B 269 -21.93 -20.32 -2.88
CA ARG B 269 -22.74 -19.27 -2.27
C ARG B 269 -23.41 -19.70 -0.96
N LYS B 270 -23.68 -21.00 -0.81
CA LYS B 270 -24.35 -21.49 0.40
C LYS B 270 -23.57 -21.16 1.67
N TYR B 271 -22.27 -20.86 1.55
CA TYR B 271 -21.47 -20.53 2.71
C TYR B 271 -21.50 -19.06 3.09
N TYR B 272 -21.97 -18.19 2.19
CA TYR B 272 -21.89 -16.78 2.44
C TYR B 272 -22.75 -16.40 3.65
N VAL B 273 -22.20 -15.56 4.52
CA VAL B 273 -22.94 -15.13 5.71
C VAL B 273 -23.19 -13.64 5.75
N ARG B 274 -22.66 -12.90 4.79
CA ARG B 274 -22.89 -11.46 4.76
C ARG B 274 -22.91 -10.92 3.34
N ASP B 275 -23.41 -9.70 3.19
CA ASP B 275 -23.64 -9.08 1.87
C ASP B 275 -22.52 -8.12 1.51
N GLN B 276 -21.74 -7.71 2.51
CA GLN B 276 -20.60 -6.83 2.28
C GLN B 276 -19.62 -6.92 3.44
N VAL B 277 -18.39 -6.44 3.22
CA VAL B 277 -17.37 -6.39 4.25
C VAL B 277 -16.78 -4.98 4.32
S SO4 C . 15.68 15.81 -2.59
O1 SO4 C . 15.21 15.88 -3.97
O2 SO4 C . 16.80 16.77 -2.45
O3 SO4 C . 14.59 16.14 -1.67
O4 SO4 C . 16.20 14.45 -2.35
S SO4 D . -6.60 -4.46 -18.85
O1 SO4 D . -7.10 -5.74 -19.33
O2 SO4 D . -6.21 -3.61 -19.98
O3 SO4 D . -7.67 -3.78 -18.12
O4 SO4 D . -5.47 -4.67 -17.95
S SO4 E . -22.80 15.25 -12.80
O1 SO4 E . -23.57 15.38 -14.04
O2 SO4 E . -21.65 16.16 -12.83
O3 SO4 E . -23.66 15.61 -11.66
O4 SO4 E . -22.34 13.87 -12.66
CL CL F . 11.87 -2.20 0.69
C1 SQL G . -6.36 14.50 -6.60
C2 SQL G . -5.27 14.44 -7.65
C3 SQL G . -4.57 15.71 -8.08
C4 SQL G . -4.88 13.12 -8.24
C5 SQL G . -5.54 11.81 -7.81
C6 SQL G . -5.34 10.90 -8.97
C7 SQL G . -5.82 9.49 -8.75
C8 SQL G . -7.29 9.25 -8.40
C9 SQL G . -4.82 8.37 -8.95
C10 SQL G . -5.34 6.95 -8.80
C10 SQL G . -5.19 6.91 -8.78
C11 SQL G . -4.18 5.97 -8.80
C11 SQL G . -4.46 6.08 -9.84
C12 SQL G . -3.50 5.95 -10.16
C12 SQL G . -2.92 6.06 -9.70
C13 SQL G . -4.30 5.75 -11.43
C13 SQL G . -2.27 5.49 -8.47
C14 SQL G . -2.00 6.11 -10.31
C14 SQL G . -2.06 6.56 -10.86
C15 SQL G . -1.10 6.27 -9.11
C15 SQL G . -0.54 6.45 -10.77
C16 SQL G . 0.16 5.49 -9.43
C16 SQL G . 0.07 7.27 -9.63
C17 SQL G . 0.99 6.20 -10.50
C17 SQL G . 1.57 7.03 -9.69
C18 SQL G . 2.38 6.77 -10.15
C18 SQL G . 2.37 7.67 -10.80
C19 SQL G . 2.94 6.64 -8.76
C19 SQL G . 1.71 8.61 -11.81
C20 SQL G . 3.22 7.48 -11.21
C20 SQL G . 3.87 7.42 -10.88
C21 SQL G . 3.81 8.75 -10.59
C21 SQL G . 4.53 8.52 -10.05
C22 SQL G . 4.78 9.37 -11.57
C22 SQL G . 5.26 9.49 -10.97
C23 SQL G . 6.09 10.00 -11.11
C23 SQL G . 6.69 9.91 -10.70
C24 SQL G . 6.49 10.00 -9.62
C24 SQL G . 7.38 10.87 -11.65
C25 SQL G . 7.52 11.08 -9.27
C25 SQL G . 7.49 12.22 -10.98
C26 SQL G . 6.83 12.41 -9.00
C26 SQL G . 6.12 12.79 -10.62
C27 SQL G . 6.24 13.75 -9.40
C27 SQL G . 5.85 13.38 -9.23
C28 SQL G . 5.79 14.69 -8.29
C28 SQL G . 6.92 13.42 -8.14
C29 SQL G . 6.03 14.15 -10.87
C29 SQL G . 4.48 13.95 -8.91
C30 SQL G . 7.01 10.55 -12.19
C30 SQL G . 7.45 9.40 -9.47
H1 SQL G . -7.33 14.63 -7.09
H2 SQL G . -6.18 15.34 -5.92
H3 SQL G . -6.37 13.57 -6.03
H4 SQL G . -4.25 15.62 -9.12
H5 SQL G . -5.26 16.56 -8.01
H6 SQL G . -3.71 15.90 -7.44
H7 SQL G . -4.08 13.09 -8.98
H8 SQL G . -5.05 11.40 -6.92
H9 SQL G . -4.26 10.86 -9.19
H10 SQL G . -7.41 9.24 -7.31
H11 SQL G . -7.91 10.02 -8.83
H12 SQL G . -7.60 8.28 -8.80
H13 SQL G . -3.78 8.57 -9.23
H14 SQL G . -5.88 6.86 -7.85
H14 SQL G . -6.26 6.79 -8.92
H15 SQL G . -3.46 6.27 -8.03
H15 SQL G . -4.71 6.48 -10.82
H16 SQL G . -4.62 6.72 -11.81
H16 SQL G . -2.12 6.27 -7.73
H17 SQL G . -3.69 5.25 -12.17
H17 SQL G . -1.32 5.04 -8.74
H18 SQL G . -5.18 5.14 -11.21
H18 SQL G . -2.92 4.72 -8.05
H19 SQL G . -1.56 6.07 -11.30
H19 SQL G . -2.53 6.93 -11.76
H20 SQL G . -0.87 7.31 -8.93
H20 SQL G . -0.28 5.40 -10.62
H21 SQL G . -1.58 5.83 -8.23
H21 SQL G . -0.11 6.78 -11.71
H22 SQL G . 0.75 5.39 -8.53
H22 SQL G . -0.14 8.32 -9.78
H23 SQL G . 0.62 6.31 -11.52
H23 SQL G . 2.06 6.34 -8.98
H24 SQL G . 4.02 6.59 -8.79
H24 SQL G . 2.43 9.35 -12.14
H25 SQL G . 2.55 5.73 -8.29
H25 SQL G . 1.37 8.03 -12.68
H26 SQL G . 2.64 7.50 -8.16
H26 SQL G . 0.86 9.10 -11.35
H27 SQL G . 2.59 7.74 -12.06
H27 SQL G . 4.21 7.46 -11.91
H28 SQL G . 4.33 8.50 -9.67
H28 SQL G . 5.26 8.06 -9.39
H29 SQL G . 4.54 9.36 -12.63
H29 SQL G . 4.74 9.86 -11.87
H30 SQL G . 6.94 9.03 -9.40
H30 SQL G . 8.38 10.50 -11.88
H31 SQL G . 8.24 11.19 -10.09
H31 SQL G . 8.01 12.92 -11.65
H32 SQL G . 8.06 10.79 -8.37
H32 SQL G . 8.09 12.11 -10.07
H33 SQL G . 6.86 12.37 -10.10
H33 SQL G . 5.33 12.78 -11.37
H34 SQL G . 4.76 14.48 -8.03
H34 SQL G . 6.76 14.27 -7.50
H35 SQL G . 5.87 15.72 -8.63
H35 SQL G . 7.90 13.49 -8.61
H36 SQL G . 6.43 14.55 -7.41
H36 SQL G . 6.86 12.50 -7.56
H37 SQL G . 6.09 15.23 -10.96
H37 SQL G . 4.58 14.75 -8.17
H38 SQL G . 5.05 13.81 -11.19
H38 SQL G . 3.84 13.16 -8.49
H39 SQL G . 6.80 13.69 -11.48
H39 SQL G . 4.02 14.34 -9.81
H40 SQL G . 6.78 11.61 -12.36
H40 SQL G . 8.17 10.15 -9.16
H41 SQL G . 6.86 10.00 -13.12
H41 SQL G . 7.97 8.48 -9.73
H42 SQL G . 8.05 10.46 -11.87
H42 SQL G . 6.75 9.21 -8.67
H43 SQL G . -6.61 11.95 -7.61
H44 SQL G . -5.85 11.32 -9.84
H45 SQL G . -6.01 6.71 -9.62
H45 SQL G . -4.91 6.56 -7.79
H46 SQL G . -4.55 4.96 -8.57
H46 SQL G . -4.82 5.05 -9.78
H47 SQL G . -0.11 4.49 -9.78
H47 SQL G . -0.32 6.93 -8.67
H48 SQL G . 4.02 6.81 -11.53
H48 SQL G . 4.09 6.44 -10.44
H49 SQL G . 3.01 9.46 -10.37
H49 SQL G . 3.78 9.05 -9.46
H50 SQL G . 5.60 10.13 -9.01
H50 SQL G . 6.80 10.95 -12.57
C1 IPA H . -3.34 19.19 -10.41
C2 IPA H . -2.27 18.73 -11.40
C3 IPA H . -0.94 19.44 -11.13
O2 IPA H . -2.10 17.32 -11.34
H11 IPA H . -3.75 18.33 -9.88
H12 IPA H . -4.14 19.69 -10.95
H13 IPA H . -2.90 19.89 -9.69
H2 IPA H . -2.59 19.00 -12.40
H31 IPA H . -0.16 18.70 -10.94
H32 IPA H . -1.05 20.07 -10.25
H33 IPA H . -0.67 20.05 -11.99
HO2 IPA H . -1.54 17.02 -12.09
S SO4 I . -14.40 -10.09 14.20
O1 SO4 I . -14.25 -11.27 13.37
O2 SO4 I . -14.92 -8.99 13.37
O3 SO4 I . -15.38 -10.40 15.26
O4 SO4 I . -13.09 -9.73 14.76
S SO4 J . -12.13 3.19 0.98
O1 SO4 J . -11.56 2.23 0.04
O2 SO4 J . -12.03 4.54 0.41
O3 SO4 J . -13.54 2.86 1.20
O4 SO4 J . -11.40 3.13 2.25
S SO4 K . 21.12 -21.13 0.31
O1 SO4 K . 21.42 -22.14 -0.71
O2 SO4 K . 20.56 -19.96 -0.35
O3 SO4 K . 20.16 -21.68 1.26
O4 SO4 K . 22.34 -20.78 1.03
CL CL L . -7.04 -32.89 -8.71
C1 SQL M . 6.15 -14.24 6.55
C2 SQL M . 4.94 -15.02 6.09
C3 SQL M . 4.37 -16.10 6.97
C4 SQL M . 4.27 -14.69 4.81
C5 SQL M . 4.80 -13.58 3.89
C6 SQL M . 4.36 -14.01 2.53
C7 SQL M . 4.74 -13.04 1.43
C8 SQL M . 6.20 -12.85 1.01
C9 SQL M . 3.63 -12.44 0.61
C10 SQL M . 4.04 -11.58 -0.55
C11 SQL M . 2.87 -10.77 -1.11
C11 SQL M . 2.95 -11.59 -1.65
C12 SQL M . 1.63 -11.53 -1.49
C12 SQL M . 1.56 -11.29 -1.15
C13 SQL M . 1.73 -12.68 -2.50
C13 SQL M . 1.32 -10.00 -0.40
C14 SQL M . 0.29 -10.93 -1.12
C14 SQL M . 0.36 -12.19 -1.44
C15 SQL M . -1.21 -11.05 -1.03
C15 SQL M . -1.13 -12.43 -1.26
C16 SQL M . -1.42 -12.42 -0.38
C16 SQL M . -1.54 -11.78 0.10
C17 SQL M . -2.84 -12.91 -0.47
C17 SQL M . -3.03 -11.62 0.20
C18 SQL M . -4.00 -12.09 0.05
C18 SQL M . -3.91 -12.83 0.35
C19 SQL M . -3.86 -10.73 0.72
C19 SQL M . -3.34 -14.24 0.41
C20 SQL M . -5.32 -12.77 0.04
C20 SQL M . -5.39 -12.58 0.49
C21 SQL M . -5.15 -13.65 1.27
C21 SQL M . -5.72 -12.82 1.95
C22 SQL M . -6.35 -13.49 2.17
C22 SQL M . -6.54 -14.09 1.99
C23 SQL M . -7.46 -14.02 3.06
C23 SQL M . -7.73 -14.23 2.93
C24 SQL M . -7.73 -15.54 3.14
C24 SQL M . -8.11 -13.12 3.89
C25 SQL M . -8.17 -15.97 4.53
C25 SQL M . -8.62 -13.67 5.23
C26 SQL M . -7.05 -15.67 5.50
C26 SQL M . -7.50 -13.61 6.25
C27 SQL M . -6.36 -14.83 6.57
C27 SQL M . -6.73 -14.84 6.73
C28 SQL M . -6.99 -13.55 7.14
C28 SQL M . -5.67 -14.65 7.78
C29 SQL M . -5.00 -15.28 7.07
C29 SQL M . -7.02 -16.25 6.19
C30 SQL M . -8.36 -13.00 3.74
C30 SQL M . -8.53 -15.52 2.87
H1 SQL M . 6.11 -13.23 6.15
H2 SQL M . 6.16 -14.20 7.64
H3 SQL M . 7.06 -14.74 6.19
H4 SQL M . 3.28 -16.16 6.81
H5 SQL M . 4.83 -17.05 6.72
H6 SQL M . 4.56 -15.86 8.01
H7 SQL M . 3.39 -15.25 4.50
H8 SQL M . 4.35 -12.63 4.17
H9 SQL M . 4.80 -14.98 2.31
H10 SQL M . 6.32 -11.86 0.57
H11 SQL M . 6.47 -13.62 0.28
H12 SQL M . 6.84 -12.94 1.88
H13 SQL M . 2.59 -12.61 0.86
H14 SQL M . 4.78 -12.07 -1.16
H15 SQL M . 3.23 -10.22 -1.99
H15 SQL M . 3.23 -10.86 -2.43
H16 SQL M . 1.79 -13.63 -1.96
H16 SQL M . 1.44 -10.16 0.66
H17 SQL M . 0.85 -12.68 -3.14
H17 SQL M . 0.29 -9.65 -0.61
H18 SQL M . 2.62 -12.55 -3.11
H18 SQL M . 2.02 -9.24 -0.75
H19 SQL M . 0.05 -11.78 -1.76
H19 SQL M . -0.01 -11.33 -0.87
H20 SQL M . -1.64 -10.25 -0.40
H20 SQL M . -1.67 -11.94 -2.07
H21 SQL M . -1.65 -11.02 -2.03
H21 SQL M . -1.35 -13.49 -1.25
H22 SQL M . -0.78 -13.13 -0.89
H22 SQL M . -1.18 -12.41 0.92
H23 SQL M . -3.03 -13.90 -0.85
H23 SQL M . -3.47 -10.63 0.18
H24 SQL M . -3.98 -9.94 -0.04
H24 SQL M . -3.29 -14.66 -0.59
H25 SQL M . -2.87 -10.64 1.16
H25 SQL M . -2.33 -14.21 0.83
H26 SQL M . -4.62 -10.62 1.48
H26 SQL M . -3.97 -14.87 1.04
H27 SQL M . -5.47 -13.37 -0.86
H27 SQL M . -5.95 -13.28 -0.14
H28 SQL M . -5.05 -14.69 0.96
H28 SQL M . -4.80 -12.93 2.54
H29 SQL M . -6.26 -14.58 2.05
H29 SQL M . -6.30 -14.90 1.30
H30 SQL M . -8.51 -15.80 2.42
H30 SQL M . -8.90 -12.53 3.43
H31 SQL M . -9.07 -15.44 4.82
H31 SQL M . -8.99 -14.69 5.11
H32 SQL M . -8.36 -17.05 4.53
H32 SQL M . -9.44 -13.02 5.57
H33 SQL M . -7.75 -14.85 5.67
H33 SQL M . -7.26 -12.65 6.70
H34 SQL M . -6.68 -12.70 6.53
H34 SQL M . -5.24 -13.65 7.69
H35 SQL M . -8.07 -13.64 7.10
H35 SQL M . -6.12 -14.75 8.78
H36 SQL M . -6.67 -13.41 8.17
H36 SQL M . -4.90 -15.40 7.66
H37 SQL M . -4.21 -14.83 6.45
H37 SQL M . -6.37 -16.43 5.32
H38 SQL M . -4.87 -14.97 8.11
H38 SQL M . -8.05 -16.33 5.89
H39 SQL M . -4.93 -16.36 7.00
H39 SQL M . -6.80 -16.97 6.95
H40 SQL M . -9.19 -12.75 3.07
H40 SQL M . -8.12 -16.25 3.57
H41 SQL M . -7.79 -12.10 3.97
H41 SQL M . -8.49 -15.93 1.86
H42 SQL M . -8.77 -13.42 4.66
H42 SQL M . -9.57 -15.32 3.13
H43 SQL M . 5.89 -13.52 3.95
H44 SQL M . 3.27 -14.11 2.54
H45 SQL M . 4.54 -10.68 -0.19
H46 SQL M . 2.58 -10.05 -0.36
H46 SQL M . 2.94 -12.58 -2.10
H47 SQL M . -1.11 -12.37 0.67
H47 SQL M . -1.07 -10.80 0.18
H48 SQL M . -6.12 -12.05 0.18
H48 SQL M . -5.62 -11.56 0.21
H49 SQL M . -4.26 -13.34 1.82
H49 SQL M . -6.31 -11.99 2.33
H50 SQL M . -6.82 -16.08 2.88
H50 SQL M . -7.25 -12.47 4.07
C1 IPA N . 1.41 -19.65 6.98
C2 IPA N . 1.43 -20.63 8.18
C3 IPA N . 2.63 -20.44 9.11
O2 IPA N . 0.29 -20.45 8.98
H11 IPA N . 0.52 -19.04 7.03
H12 IPA N . 1.41 -20.21 6.05
H13 IPA N . 2.29 -19.01 7.03
H2 IPA N . 1.43 -21.65 7.80
H31 IPA N . 2.28 -20.21 10.11
H32 IPA N . 3.25 -19.61 8.74
H33 IPA N . 3.23 -21.35 9.13
HO2 IPA N . 0.27 -19.52 9.30
#